data_5TD9
#
_entry.id   5TD9
#
_cell.length_a   68.319
_cell.length_b   112.868
_cell.length_c   119.922
_cell.angle_alpha   90.000
_cell.angle_beta   90.000
_cell.angle_gamma   90.000
#
_symmetry.space_group_name_H-M   'P 2 21 21'
#
loop_
_entity.id
_entity.type
_entity.pdbx_description
1 polymer Gamma-enolase
2 non-polymer 'MAGNESIUM ION'
3 non-polymer 'CHLORIDE ION'
4 water water
#
_entity_poly.entity_id   1
_entity_poly.type   'polypeptide(L)'
_entity_poly.pdbx_seq_one_letter_code
;MSIEKIWAREILDSRGNPTVEVDLYTAKGLFRAAVPSGASTGIYEALELRDGDKQRYLGKGVLKAVDHINSTIAPALISS
GLSVVEQEKLDNLMLELDGTENKSKFGANAILGVSLAVCKAGAAERELPLYRHIAQLAGNSDLILPVPAFNVINGGSHAG
NKLAMQEFMILPVGAESFRDAMRLGAEVYHTLKGVIKDKYGKDATNVGDEGGFAPNILENSEALELVKEAIDKAGYTEKI
VIGMDVAASEFYRDGKYDLDFKSPTDPSRYITGDQLGALYQDFVRDYPVVSIEDPFDQDDWAAWSKFTANVGIQIVGDDL
TVTNPKRIERAVEEKACNCLLLKVNQIGSVTEAIQACKLAQENGWGVMVSHRSGETEDTFIADLVVGLCTGQIKTGAPCR
SERLAKYNQLMRIEEELGDEARFAGHNFRNPSVLHHHHHH
;
_entity_poly.pdbx_strand_id   A,B
#
loop_
_chem_comp.id
_chem_comp.type
_chem_comp.name
_chem_comp.formula
CL non-polymer 'CHLORIDE ION' 'Cl -1'
MG non-polymer 'MAGNESIUM ION' 'Mg 2'
#
# COMPACT_ATOMS: atom_id res chain seq x y z
N MET A 1 14.61 26.52 13.34
CA MET A 1 15.18 26.77 14.66
C MET A 1 15.45 25.43 15.36
N SER A 2 15.24 25.39 16.67
CA SER A 2 15.60 24.22 17.45
C SER A 2 14.58 23.11 17.30
N ILE A 3 15.02 21.89 17.57
CA ILE A 3 14.14 20.73 17.67
C ILE A 3 13.48 20.76 19.04
N GLU A 4 12.15 20.84 19.06
CA GLU A 4 11.43 20.95 20.33
C GLU A 4 11.12 19.58 20.93
N LYS A 5 10.76 18.60 20.11
CA LYS A 5 10.46 17.27 20.62
C LYS A 5 10.66 16.26 19.51
N ILE A 6 11.12 15.07 19.89
CA ILE A 6 11.18 13.92 19.00
C ILE A 6 10.50 12.75 19.70
N TRP A 7 9.48 12.17 19.04
CA TRP A 7 8.83 10.98 19.56
C TRP A 7 8.74 9.93 18.45
N ALA A 8 9.23 8.73 18.74
CA ALA A 8 9.23 7.61 17.82
C ALA A 8 8.24 6.55 18.28
N ARG A 9 7.87 5.68 17.36
CA ARG A 9 6.95 4.60 17.69
C ARG A 9 7.13 3.48 16.67
N GLU A 10 6.47 2.37 16.96
CA GLU A 10 6.43 1.20 16.09
C GLU A 10 5.22 1.30 15.16
N ILE A 11 5.41 0.95 13.90
CA ILE A 11 4.32 0.74 12.95
C ILE A 11 4.61 -0.53 12.17
N LEU A 12 3.65 -0.91 11.33
CA LEU A 12 3.78 -2.09 10.47
C LEU A 12 4.07 -1.65 9.05
N ASP A 13 5.05 -2.31 8.43
CA ASP A 13 5.40 -2.04 7.04
C ASP A 13 4.43 -2.79 6.14
N SER A 14 4.68 -2.76 4.83
CA SER A 14 3.77 -3.30 3.84
C SER A 14 3.65 -4.81 3.89
N ARG A 15 4.48 -5.48 4.68
CA ARG A 15 4.41 -6.93 4.83
C ARG A 15 3.86 -7.35 6.19
N GLY A 16 3.48 -6.40 7.04
CA GLY A 16 3.00 -6.74 8.36
C GLY A 16 4.06 -6.90 9.42
N ASN A 17 5.29 -6.43 9.17
CA ASN A 17 6.38 -6.49 10.13
C ASN A 17 6.63 -5.12 10.75
N PRO A 18 7.14 -5.07 11.98
CA PRO A 18 7.41 -3.77 12.62
C PRO A 18 8.55 -3.01 11.94
N THR A 19 8.41 -1.68 11.97
CA THR A 19 9.46 -0.78 11.50
C THR A 19 9.33 0.51 12.28
N VAL A 20 10.34 1.37 12.15
CA VAL A 20 10.43 2.60 12.92
C VAL A 20 9.71 3.72 12.20
N GLU A 21 8.99 4.53 12.97
CA GLU A 21 8.43 5.81 12.53
C GLU A 21 8.82 6.87 13.54
N VAL A 22 9.16 8.06 13.05
CA VAL A 22 9.67 9.15 13.89
C VAL A 22 8.82 10.40 13.67
N ASP A 23 8.33 10.98 14.77
CA ASP A 23 7.74 12.32 14.75
C ASP A 23 8.76 13.31 15.32
N LEU A 24 9.09 14.33 14.53
CA LEU A 24 9.95 15.42 14.97
C LEU A 24 9.15 16.70 14.99
N TYR A 25 9.15 17.39 16.13
CA TYR A 25 8.42 18.63 16.30
C TYR A 25 9.39 19.80 16.32
N THR A 26 9.11 20.81 15.51
CA THR A 26 9.74 22.10 15.65
C THR A 26 8.65 23.14 15.88
N ALA A 27 9.02 24.42 15.77
CA ALA A 27 8.03 25.48 15.89
C ALA A 27 7.01 25.42 14.77
N LYS A 28 7.38 24.88 13.61
CA LYS A 28 6.49 24.86 12.46
C LYS A 28 5.52 23.69 12.45
N GLY A 29 5.69 22.71 13.34
CA GLY A 29 4.72 21.65 13.45
C GLY A 29 5.32 20.26 13.58
N LEU A 30 4.58 19.26 13.11
CA LEU A 30 4.97 17.86 13.18
C LEU A 30 5.58 17.44 11.84
N PHE A 31 6.65 16.65 11.91
CA PHE A 31 7.29 16.12 10.71
C PHE A 31 7.54 14.64 10.92
N ARG A 32 6.84 13.81 10.15
CA ARG A 32 6.79 12.38 10.33
C ARG A 32 7.48 11.69 9.16
N ALA A 33 8.19 10.60 9.45
CA ALA A 33 8.85 9.80 8.44
C ALA A 33 8.93 8.37 8.94
N ALA A 34 8.92 7.42 7.99
CA ALA A 34 9.02 6.01 8.32
C ALA A 34 10.18 5.39 7.56
N VAL A 35 10.59 4.21 8.00
CA VAL A 35 11.82 3.55 7.56
C VAL A 35 11.45 2.26 6.85
N PRO A 36 11.97 1.98 5.67
CA PRO A 36 11.71 0.69 5.02
C PRO A 36 12.52 -0.43 5.64
N SER A 37 12.16 -1.66 5.26
CA SER A 37 12.78 -2.84 5.86
C SER A 37 14.18 -3.05 5.33
N GLY A 38 15.11 -3.34 6.24
CA GLY A 38 16.47 -3.67 5.85
C GLY A 38 16.92 -4.99 6.45
N ALA A 39 18.23 -5.19 6.58
CA ALA A 39 18.79 -6.39 7.17
C ALA A 39 19.57 -6.03 8.42
N SER A 40 19.40 -6.84 9.47
CA SER A 40 20.17 -6.71 10.69
C SER A 40 21.50 -7.46 10.63
N THR A 41 21.81 -8.07 9.49
CA THR A 41 23.05 -8.82 9.28
C THR A 41 23.72 -8.34 8.01
N GLY A 42 24.99 -8.71 7.85
CA GLY A 42 25.73 -8.32 6.66
C GLY A 42 26.99 -7.54 6.98
N ILE A 43 28.06 -7.82 6.22
CA ILE A 43 29.38 -7.27 6.57
C ILE A 43 29.46 -5.80 6.24
N TYR A 44 28.84 -5.38 5.13
CA TYR A 44 29.07 -4.05 4.58
C TYR A 44 27.93 -3.08 4.84
N GLU A 45 26.69 -3.50 4.62
CA GLU A 45 25.57 -2.58 4.75
C GLU A 45 25.30 -2.24 6.21
N ALA A 46 24.87 -1.00 6.45
CA ALA A 46 24.43 -0.62 7.79
C ALA A 46 23.28 -1.51 8.24
N LEU A 47 23.22 -1.78 9.54
CA LEU A 47 22.35 -2.80 10.09
C LEU A 47 21.21 -2.17 10.87
N GLU A 48 19.98 -2.56 10.52
CA GLU A 48 18.83 -2.20 11.33
C GLU A 48 18.84 -2.99 12.63
N LEU A 49 18.37 -2.37 13.69
CA LEU A 49 18.32 -3.02 15.00
C LEU A 49 16.97 -3.73 15.13
N ARG A 50 17.01 -5.03 15.38
CA ARG A 50 15.82 -5.83 15.66
C ARG A 50 15.85 -6.29 17.11
N ASP A 51 14.66 -6.48 17.69
CA ASP A 51 14.58 -6.87 19.10
C ASP A 51 15.03 -8.31 19.32
N GLY A 52 14.68 -9.20 18.39
CA GLY A 52 15.03 -10.60 18.54
C GLY A 52 14.20 -11.39 19.53
N ASP A 53 13.12 -10.81 20.06
CA ASP A 53 12.24 -11.52 20.97
C ASP A 53 11.27 -12.37 20.14
N LYS A 54 11.49 -13.69 20.14
CA LYS A 54 10.74 -14.56 19.25
C LYS A 54 9.28 -14.69 19.63
N GLN A 55 8.91 -14.38 20.87
CA GLN A 55 7.50 -14.39 21.23
C GLN A 55 6.75 -13.26 20.55
N ARG A 56 7.43 -12.17 20.21
CA ARG A 56 6.80 -10.94 19.73
C ARG A 56 7.21 -10.70 18.29
N TYR A 57 6.25 -10.83 17.37
CA TYR A 57 6.48 -10.64 15.93
C TYR A 57 7.58 -11.55 15.41
N LEU A 58 7.77 -12.71 16.05
CA LEU A 58 8.83 -13.65 15.69
C LEU A 58 10.20 -12.97 15.63
N GLY A 59 10.43 -12.06 16.58
CA GLY A 59 11.72 -11.43 16.74
C GLY A 59 11.99 -10.22 15.86
N LYS A 60 10.97 -9.70 15.17
CA LYS A 60 11.16 -8.60 14.24
C LYS A 60 10.68 -7.26 14.80
N GLY A 61 10.46 -7.18 16.11
CA GLY A 61 10.13 -5.92 16.72
C GLY A 61 11.27 -4.92 16.64
N VAL A 62 10.93 -3.65 16.76
CA VAL A 62 11.92 -2.58 16.78
C VAL A 62 11.72 -1.71 18.01
N LEU A 63 11.31 -2.34 19.13
CA LEU A 63 11.14 -1.59 20.38
C LEU A 63 12.47 -1.02 20.87
N LYS A 64 13.58 -1.73 20.67
CA LYS A 64 14.87 -1.21 21.11
C LYS A 64 15.29 0.01 20.30
N ALA A 65 15.13 -0.04 18.98
CA ALA A 65 15.46 1.12 18.15
C ALA A 65 14.59 2.32 18.50
N VAL A 66 13.28 2.09 18.69
CA VAL A 66 12.38 3.16 19.06
C VAL A 66 12.81 3.79 20.39
N ASP A 67 13.27 2.97 21.34
CA ASP A 67 13.69 3.48 22.63
C ASP A 67 15.00 4.28 22.51
N HIS A 68 15.94 3.79 21.70
CA HIS A 68 17.17 4.54 21.48
C HIS A 68 16.89 5.95 20.94
N ILE A 69 15.84 6.09 20.12
CA ILE A 69 15.50 7.42 19.60
C ILE A 69 14.92 8.29 20.70
N ASN A 70 13.93 7.76 21.42
CA ASN A 70 13.19 8.57 22.38
C ASN A 70 14.03 8.93 23.59
N SER A 71 14.86 8.00 24.06
CA SER A 71 15.57 8.19 25.32
C SER A 71 16.96 8.79 25.16
N THR A 72 17.67 8.46 24.08
CA THR A 72 19.07 8.84 23.91
C THR A 72 19.28 9.84 22.77
N ILE A 73 18.73 9.58 21.59
CA ILE A 73 18.97 10.46 20.45
C ILE A 73 18.24 11.78 20.61
N ALA A 74 16.98 11.74 21.04
CA ALA A 74 16.18 12.95 21.14
C ALA A 74 16.79 14.00 22.05
N PRO A 75 17.18 13.71 23.30
CA PRO A 75 17.77 14.76 24.14
C PRO A 75 19.08 15.29 23.61
N ALA A 76 19.82 14.50 22.82
CA ALA A 76 21.08 14.97 22.28
C ALA A 76 20.86 15.98 21.16
N LEU A 77 19.93 15.69 20.25
CA LEU A 77 19.67 16.64 19.16
C LEU A 77 18.97 17.89 19.66
N ILE A 78 18.17 17.77 20.71
CA ILE A 78 17.54 18.95 21.31
C ILE A 78 18.60 19.84 21.94
N SER A 79 19.59 19.24 22.61
CA SER A 79 20.58 20.03 23.33
C SER A 79 21.56 20.72 22.41
N SER A 80 21.73 20.21 21.19
CA SER A 80 22.69 20.81 20.28
C SER A 80 22.29 22.22 19.88
N GLY A 81 21.00 22.54 19.98
CA GLY A 81 20.52 23.82 19.48
C GLY A 81 20.69 23.99 17.99
N LEU A 82 21.04 22.94 17.26
CA LEU A 82 21.21 23.05 15.81
C LEU A 82 19.87 23.26 15.13
N SER A 83 19.86 24.14 14.12
CA SER A 83 18.67 24.30 13.29
C SER A 83 18.44 23.02 12.49
N VAL A 84 17.16 22.74 12.20
CA VAL A 84 16.82 21.56 11.42
C VAL A 84 17.30 21.65 9.98
N VAL A 85 17.72 22.83 9.53
CA VAL A 85 18.27 22.95 8.18
C VAL A 85 19.68 22.39 8.12
N GLU A 86 20.41 22.38 9.24
CA GLU A 86 21.77 21.85 9.27
C GLU A 86 21.75 20.33 9.20
N GLN A 87 21.47 19.78 8.00
CA GLN A 87 21.28 18.34 7.88
C GLN A 87 22.56 17.58 8.20
N GLU A 88 23.68 17.98 7.60
CA GLU A 88 24.92 17.25 7.82
C GLU A 88 25.42 17.37 9.26
N LYS A 89 25.20 18.52 9.90
CA LYS A 89 25.59 18.67 11.30
C LYS A 89 24.84 17.69 12.19
N LEU A 90 23.54 17.53 11.95
CA LEU A 90 22.73 16.64 12.77
C LEU A 90 23.04 15.17 12.48
N ASP A 91 23.21 14.82 11.20
CA ASP A 91 23.54 13.45 10.84
C ASP A 91 24.89 13.02 11.39
N ASN A 92 25.91 13.88 11.26
CA ASN A 92 27.23 13.54 11.80
C ASN A 92 27.20 13.44 13.32
N LEU A 93 26.38 14.26 13.97
CA LEU A 93 26.28 14.22 15.43
C LEU A 93 25.71 12.87 15.89
N MET A 94 24.72 12.34 15.17
CA MET A 94 24.19 11.03 15.52
C MET A 94 25.13 9.90 15.13
N LEU A 95 25.95 10.10 14.10
CA LEU A 95 26.94 9.11 13.73
C LEU A 95 27.98 8.90 14.84
N GLU A 96 28.50 10.01 15.39
CA GLU A 96 29.48 9.88 16.47
C GLU A 96 28.81 9.37 17.75
N LEU A 97 27.57 9.76 17.99
CA LEU A 97 26.85 9.29 19.17
C LEU A 97 26.65 7.79 19.12
N ASP A 98 26.33 7.25 17.94
CA ASP A 98 26.30 5.81 17.77
C ASP A 98 27.71 5.22 17.85
N GLY A 99 28.69 5.90 17.26
CA GLY A 99 30.07 5.53 17.41
C GLY A 99 30.50 4.25 16.71
N THR A 100 29.61 3.56 16.01
CA THR A 100 29.96 2.34 15.32
C THR A 100 30.04 2.58 13.82
N GLU A 101 30.69 1.64 13.12
CA GLU A 101 30.88 1.77 11.67
C GLU A 101 29.58 1.52 10.92
N ASN A 102 28.86 0.44 11.27
CA ASN A 102 27.64 0.07 10.59
C ASN A 102 26.40 0.51 11.36
N LYS A 103 26.54 1.48 12.26
CA LYS A 103 25.43 2.02 13.04
C LYS A 103 24.74 0.95 13.87
N SER A 104 25.52 0.00 14.38
CA SER A 104 24.94 -1.18 15.02
C SER A 104 24.49 -0.94 16.46
N LYS A 105 24.85 0.18 17.09
CA LYS A 105 24.38 0.43 18.45
C LYS A 105 22.93 0.88 18.46
N PHE A 106 22.63 2.01 17.83
CA PHE A 106 21.24 2.47 17.74
C PHE A 106 20.46 1.73 16.68
N GLY A 107 21.12 1.26 15.62
CA GLY A 107 20.45 0.66 14.49
C GLY A 107 20.30 1.66 13.36
N ALA A 108 20.58 1.21 12.13
CA ALA A 108 20.41 2.09 10.97
C ALA A 108 18.97 2.57 10.83
N ASN A 109 18.01 1.75 11.27
CA ASN A 109 16.60 2.12 11.19
C ASN A 109 16.28 3.27 12.15
N ALA A 110 16.90 3.28 13.33
CA ALA A 110 16.70 4.38 14.26
C ALA A 110 17.35 5.67 13.77
N ILE A 111 18.56 5.57 13.22
CA ILE A 111 19.28 6.75 12.77
C ILE A 111 18.63 7.33 11.53
N LEU A 112 18.24 6.49 10.57
CA LEU A 112 17.61 6.99 9.35
C LEU A 112 16.27 7.66 9.65
N GLY A 113 15.48 7.07 10.55
CA GLY A 113 14.18 7.64 10.87
C GLY A 113 14.27 9.08 11.35
N VAL A 114 15.25 9.36 12.22
CA VAL A 114 15.45 10.73 12.68
C VAL A 114 16.01 11.59 11.55
N SER A 115 16.94 11.04 10.76
CA SER A 115 17.55 11.81 9.68
C SER A 115 16.51 12.24 8.64
N LEU A 116 15.53 11.37 8.34
CA LEU A 116 14.50 11.72 7.38
C LEU A 116 13.56 12.79 7.94
N ALA A 117 13.17 12.66 9.21
CA ALA A 117 12.32 13.67 9.83
C ALA A 117 13.03 15.02 9.91
N VAL A 118 14.34 15.01 10.15
CA VAL A 118 15.10 16.26 10.19
C VAL A 118 15.03 16.96 8.84
N CYS A 119 15.20 16.20 7.76
CA CYS A 119 15.19 16.79 6.43
C CYS A 119 13.84 17.43 6.12
N LYS A 120 12.75 16.71 6.41
CA LYS A 120 11.41 17.28 6.21
C LYS A 120 11.21 18.53 7.06
N ALA A 121 11.72 18.53 8.29
CA ALA A 121 11.62 19.71 9.13
C ALA A 121 12.46 20.85 8.59
N GLY A 122 13.63 20.54 8.05
CA GLY A 122 14.48 21.58 7.50
C GLY A 122 13.97 22.13 6.19
N ALA A 123 13.16 21.35 5.47
CA ALA A 123 12.57 21.85 4.24
C ALA A 123 11.51 22.90 4.53
N ALA A 124 10.69 22.68 5.57
CA ALA A 124 9.69 23.66 5.95
C ALA A 124 10.31 24.87 6.64
N GLU A 125 11.40 24.66 7.38
CA GLU A 125 12.13 25.79 7.93
C GLU A 125 12.70 26.66 6.82
N ARG A 126 13.05 26.04 5.69
CA ARG A 126 13.51 26.74 4.50
C ARG A 126 12.38 27.34 3.67
N GLU A 127 11.12 27.04 3.99
CA GLU A 127 9.98 27.42 3.15
C GLU A 127 10.14 26.87 1.73
N LEU A 128 10.64 25.65 1.64
CA LEU A 128 10.86 24.98 0.36
C LEU A 128 10.14 23.65 0.34
N PRO A 129 9.66 23.22 -0.83
CA PRO A 129 9.24 21.82 -0.98
C PRO A 129 10.41 20.89 -0.73
N LEU A 130 10.10 19.70 -0.24
CA LEU A 130 11.15 18.77 0.22
C LEU A 130 12.17 18.48 -0.88
N TYR A 131 11.71 18.26 -2.11
CA TYR A 131 12.64 17.97 -3.20
C TYR A 131 13.56 19.16 -3.49
N ARG A 132 13.06 20.38 -3.34
CA ARG A 132 13.89 21.56 -3.55
C ARG A 132 14.96 21.65 -2.48
N HIS A 133 14.57 21.44 -1.22
CA HIS A 133 15.53 21.49 -0.10
C HIS A 133 16.62 20.44 -0.26
N ILE A 134 16.26 19.25 -0.74
CA ILE A 134 17.25 18.20 -0.96
C ILE A 134 18.20 18.59 -2.09
N ALA A 135 17.66 19.23 -3.15
CA ALA A 135 18.52 19.66 -4.24
C ALA A 135 19.59 20.64 -3.76
N GLN A 136 19.20 21.61 -2.92
CA GLN A 136 20.19 22.54 -2.37
C GLN A 136 21.16 21.83 -1.42
N LEU A 137 20.70 20.77 -0.73
CA LEU A 137 21.60 19.97 0.07
C LEU A 137 22.64 19.25 -0.79
N ALA A 138 22.33 19.01 -2.06
CA ALA A 138 23.21 18.28 -2.95
C ALA A 138 23.90 19.19 -3.97
N GLY A 139 23.72 20.50 -3.85
CA GLY A 139 24.32 21.42 -4.79
C GLY A 139 23.72 21.33 -6.19
N ASN A 140 22.42 21.06 -6.27
CA ASN A 140 21.72 21.01 -7.55
C ASN A 140 20.76 22.18 -7.69
N SER A 141 20.48 22.55 -8.93
CA SER A 141 19.52 23.61 -9.23
C SER A 141 18.53 23.26 -10.34
N ASP A 142 18.92 22.50 -11.36
CA ASP A 142 18.02 22.07 -12.42
C ASP A 142 17.41 20.73 -12.03
N LEU A 143 16.10 20.69 -11.78
CA LEU A 143 15.42 19.49 -11.31
C LEU A 143 14.94 18.63 -12.49
N ILE A 144 14.76 17.34 -12.23
CA ILE A 144 14.33 16.40 -13.26
C ILE A 144 13.42 15.36 -12.63
N LEU A 145 12.38 14.97 -13.38
CA LEU A 145 11.50 13.87 -13.01
C LEU A 145 12.05 12.56 -13.55
N PRO A 146 12.09 11.51 -12.75
CA PRO A 146 12.78 10.28 -13.15
C PRO A 146 11.91 9.40 -14.04
N VAL A 147 12.59 8.47 -14.72
CA VAL A 147 11.92 7.37 -15.42
C VAL A 147 11.63 6.28 -14.40
N PRO A 148 10.36 5.90 -14.21
CA PRO A 148 10.05 4.82 -13.26
C PRO A 148 10.37 3.46 -13.85
N ALA A 149 10.84 2.55 -12.99
CA ALA A 149 11.08 1.16 -13.36
C ALA A 149 10.11 0.29 -12.57
N PHE A 150 9.11 -0.26 -13.26
CA PHE A 150 8.05 -1.05 -12.62
C PHE A 150 8.42 -2.53 -12.63
N ASN A 151 8.57 -3.12 -11.46
CA ASN A 151 8.70 -4.57 -11.31
C ASN A 151 7.38 -5.23 -11.66
N VAL A 152 7.31 -5.90 -12.81
CA VAL A 152 6.08 -6.55 -13.24
C VAL A 152 6.16 -8.07 -13.22
N ILE A 153 7.34 -8.66 -13.33
CA ILE A 153 7.53 -10.11 -13.28
C ILE A 153 8.59 -10.42 -12.23
N ASN A 154 8.27 -11.34 -11.31
CA ASN A 154 9.13 -11.65 -10.19
C ASN A 154 9.62 -13.09 -10.25
N GLY A 155 10.77 -13.33 -9.65
CA GLY A 155 11.34 -14.66 -9.60
C GLY A 155 12.45 -14.73 -8.57
N GLY A 156 13.24 -15.80 -8.66
CA GLY A 156 14.31 -15.98 -7.71
C GLY A 156 13.78 -16.33 -6.33
N SER A 157 14.48 -15.84 -5.31
CA SER A 157 14.05 -16.07 -3.92
C SER A 157 12.77 -15.34 -3.58
N HIS A 158 12.28 -14.45 -4.44
CA HIS A 158 11.09 -13.66 -4.13
C HIS A 158 9.80 -14.45 -4.32
N ALA A 159 9.79 -15.45 -5.20
CA ALA A 159 8.56 -16.12 -5.59
C ALA A 159 8.74 -17.63 -5.52
N GLY A 160 7.60 -18.33 -5.47
CA GLY A 160 7.58 -19.78 -5.47
C GLY A 160 7.82 -20.41 -6.82
N ASN A 161 7.87 -19.62 -7.88
CA ASN A 161 8.15 -20.17 -9.20
C ASN A 161 9.63 -20.55 -9.31
N LYS A 162 9.92 -21.42 -10.27
CA LYS A 162 11.28 -21.86 -10.54
C LYS A 162 12.10 -20.80 -11.25
N LEU A 163 11.51 -19.66 -11.59
CA LEU A 163 12.24 -18.57 -12.25
C LEU A 163 13.37 -18.08 -11.37
N ALA A 164 14.59 -18.09 -11.91
CA ALA A 164 15.76 -17.79 -11.10
C ALA A 164 16.01 -16.29 -10.98
N MET A 165 15.69 -15.52 -12.01
CA MET A 165 16.00 -14.10 -11.99
C MET A 165 14.93 -13.32 -11.25
N GLN A 166 15.35 -12.35 -10.46
CA GLN A 166 14.49 -11.78 -9.42
C GLN A 166 13.43 -10.85 -9.99
N GLU A 167 13.85 -9.82 -10.74
CA GLU A 167 12.92 -8.78 -11.18
C GLU A 167 13.04 -8.56 -12.68
N PHE A 168 11.87 -8.43 -13.32
CA PHE A 168 11.77 -8.03 -14.72
C PHE A 168 10.95 -6.74 -14.76
N MET A 169 11.60 -5.63 -15.09
CA MET A 169 11.01 -4.30 -14.98
C MET A 169 10.69 -3.73 -16.36
N ILE A 170 9.82 -2.72 -16.38
CA ILE A 170 9.47 -1.96 -17.57
C ILE A 170 9.81 -0.50 -17.33
N LEU A 171 10.38 0.15 -18.35
CA LEU A 171 10.81 1.55 -18.28
C LEU A 171 10.12 2.34 -19.37
N PRO A 172 9.17 3.17 -19.07
CA PRO A 172 8.57 4.03 -20.11
C PRO A 172 9.46 5.21 -20.48
N VAL A 173 10.59 4.91 -21.14
CA VAL A 173 11.53 5.95 -21.55
C VAL A 173 10.94 6.87 -22.61
N GLY A 174 9.91 6.43 -23.31
CA GLY A 174 9.34 7.21 -24.40
C GLY A 174 8.10 7.99 -24.03
N ALA A 175 7.90 8.25 -22.74
CA ALA A 175 6.73 8.98 -22.29
C ALA A 175 6.93 10.48 -22.46
N GLU A 176 5.81 11.19 -22.58
CA GLU A 176 5.85 12.65 -22.72
C GLU A 176 6.21 13.31 -21.40
N SER A 177 5.75 12.74 -20.29
CA SER A 177 5.98 13.29 -18.96
C SER A 177 5.98 12.13 -17.97
N PHE A 178 6.17 12.45 -16.69
CA PHE A 178 6.07 11.40 -15.68
C PHE A 178 4.64 10.93 -15.51
N ARG A 179 3.68 11.85 -15.52
CA ARG A 179 2.27 11.46 -15.43
C ARG A 179 1.87 10.58 -16.61
N ASP A 180 2.47 10.85 -17.77
CA ASP A 180 2.28 9.97 -18.92
C ASP A 180 3.01 8.65 -18.73
N ALA A 181 4.17 8.67 -18.07
CA ALA A 181 4.89 7.42 -17.81
C ALA A 181 4.10 6.52 -16.88
N MET A 182 3.27 7.09 -16.01
CA MET A 182 2.40 6.30 -15.15
C MET A 182 1.34 5.58 -15.97
N ARG A 183 0.70 6.32 -16.88
CA ARG A 183 -0.34 5.72 -17.73
C ARG A 183 0.22 4.58 -18.56
N LEU A 184 1.43 4.74 -19.09
CA LEU A 184 2.03 3.67 -19.87
C LEU A 184 2.32 2.44 -19.01
N GLY A 185 2.99 2.64 -17.89
CA GLY A 185 3.29 1.52 -17.00
C GLY A 185 2.04 0.85 -16.47
N ALA A 186 1.01 1.63 -16.15
CA ALA A 186 -0.19 1.04 -15.57
C ALA A 186 -0.97 0.25 -16.61
N GLU A 187 -1.07 0.76 -17.84
CA GLU A 187 -1.81 0.06 -18.88
C GLU A 187 -1.09 -1.22 -19.30
N VAL A 188 0.24 -1.19 -19.34
CA VAL A 188 1.01 -2.39 -19.66
C VAL A 188 0.93 -3.40 -18.53
N TYR A 189 0.89 -2.92 -17.27
CA TYR A 189 0.72 -3.82 -16.14
C TYR A 189 -0.65 -4.47 -16.15
N HIS A 190 -1.70 -3.70 -16.46
CA HIS A 190 -3.04 -4.29 -16.56
C HIS A 190 -3.15 -5.22 -17.76
N THR A 191 -2.46 -4.91 -18.86
CA THR A 191 -2.45 -5.82 -20.00
C THR A 191 -1.74 -7.12 -19.67
N LEU A 192 -0.60 -7.03 -18.97
CA LEU A 192 0.13 -8.24 -18.58
C LEU A 192 -0.72 -9.14 -17.69
N LYS A 193 -1.58 -8.55 -16.85
CA LYS A 193 -2.43 -9.36 -15.98
C LYS A 193 -3.36 -10.25 -16.80
N GLY A 194 -3.96 -9.70 -17.86
CA GLY A 194 -4.79 -10.51 -18.73
C GLY A 194 -4.00 -11.54 -19.50
N VAL A 195 -2.75 -11.21 -19.87
CA VAL A 195 -1.91 -12.17 -20.59
C VAL A 195 -1.60 -13.35 -19.70
N ILE A 196 -1.24 -13.10 -18.44
CA ILE A 196 -0.95 -14.18 -17.51
C ILE A 196 -2.22 -14.96 -17.17
N LYS A 197 -3.35 -14.25 -17.06
CA LYS A 197 -4.61 -14.91 -16.72
C LYS A 197 -5.04 -15.90 -17.79
N ASP A 198 -4.93 -15.51 -19.06
CA ASP A 198 -5.37 -16.39 -20.15
C ASP A 198 -4.40 -17.53 -20.37
N LYS A 199 -3.10 -17.27 -20.19
CA LYS A 199 -2.09 -18.28 -20.52
C LYS A 199 -1.85 -19.24 -19.38
N TYR A 200 -1.90 -18.77 -18.14
CA TYR A 200 -1.55 -19.60 -16.99
C TYR A 200 -2.70 -19.83 -16.00
N GLY A 201 -3.83 -19.17 -16.17
CA GLY A 201 -4.97 -19.41 -15.30
C GLY A 201 -5.31 -18.20 -14.45
N LYS A 202 -6.52 -18.23 -13.88
CA LYS A 202 -7.00 -17.12 -13.08
C LYS A 202 -6.31 -17.04 -11.72
N ASP A 203 -5.67 -18.11 -11.27
CA ASP A 203 -4.99 -18.11 -9.98
C ASP A 203 -3.56 -17.58 -10.06
N ALA A 204 -3.08 -17.23 -11.25
CA ALA A 204 -1.70 -16.79 -11.45
C ALA A 204 -1.56 -15.27 -11.45
N THR A 205 -2.63 -14.54 -11.13
CA THR A 205 -2.62 -13.09 -11.19
C THR A 205 -2.47 -12.42 -9.82
N ASN A 206 -2.23 -13.20 -8.77
CA ASN A 206 -1.92 -12.59 -7.48
C ASN A 206 -0.49 -12.07 -7.47
N VAL A 207 -0.21 -11.15 -6.54
CA VAL A 207 1.00 -10.33 -6.61
C VAL A 207 1.95 -10.67 -5.46
N GLY A 208 3.21 -10.27 -5.65
CA GLY A 208 4.24 -10.41 -4.64
C GLY A 208 4.40 -9.17 -3.79
N ASP A 209 5.55 -9.08 -3.11
CA ASP A 209 5.77 -8.02 -2.13
C ASP A 209 5.75 -6.62 -2.74
N GLU A 210 6.17 -6.47 -4.00
CA GLU A 210 6.17 -5.16 -4.63
C GLU A 210 5.14 -5.04 -5.76
N GLY A 211 4.19 -5.96 -5.86
CA GLY A 211 3.06 -5.83 -6.75
C GLY A 211 3.17 -6.56 -8.07
N GLY A 212 4.30 -7.21 -8.35
CA GLY A 212 4.45 -7.91 -9.61
C GLY A 212 3.92 -9.33 -9.56
N PHE A 213 3.57 -9.85 -10.73
CA PHE A 213 3.05 -11.20 -10.83
C PHE A 213 4.20 -12.22 -10.75
N ALA A 214 3.84 -13.44 -10.37
CA ALA A 214 4.81 -14.54 -10.25
C ALA A 214 4.22 -15.80 -10.86
N PRO A 215 4.08 -15.85 -12.19
CA PRO A 215 3.63 -17.09 -12.83
C PRO A 215 4.72 -18.14 -12.76
N ASN A 216 4.30 -19.40 -12.61
CA ASN A 216 5.22 -20.52 -12.50
C ASN A 216 5.95 -20.70 -13.83
N ILE A 217 7.00 -19.91 -14.00
CA ILE A 217 7.80 -19.87 -15.21
C ILE A 217 9.19 -20.38 -14.87
N LEU A 218 9.70 -21.32 -15.67
CA LEU A 218 11.06 -21.80 -15.44
C LEU A 218 12.10 -20.83 -15.97
N GLU A 219 11.96 -20.43 -17.23
CA GLU A 219 13.03 -19.76 -17.95
C GLU A 219 12.75 -18.28 -18.13
N ASN A 220 13.80 -17.47 -17.96
CA ASN A 220 13.68 -16.01 -18.03
C ASN A 220 13.31 -15.53 -19.42
N SER A 221 13.69 -16.27 -20.47
CA SER A 221 13.28 -15.91 -21.82
C SER A 221 11.77 -15.75 -21.93
N GLU A 222 11.01 -16.65 -21.30
CA GLU A 222 9.56 -16.52 -21.33
C GLU A 222 9.09 -15.32 -20.51
N ALA A 223 9.81 -14.98 -19.43
CA ALA A 223 9.49 -13.76 -18.70
C ALA A 223 9.68 -12.54 -19.60
N LEU A 224 10.82 -12.47 -20.29
CA LEU A 224 11.06 -11.35 -21.20
C LEU A 224 10.06 -11.34 -22.35
N GLU A 225 9.75 -12.51 -22.92
CA GLU A 225 8.73 -12.59 -23.95
C GLU A 225 7.37 -12.16 -23.41
N LEU A 226 7.05 -12.57 -22.18
CA LEU A 226 5.79 -12.19 -21.55
C LEU A 226 5.68 -10.66 -21.43
N VAL A 227 6.73 -10.02 -20.91
CA VAL A 227 6.75 -8.57 -20.81
C VAL A 227 6.70 -7.94 -22.20
N LYS A 228 7.59 -8.40 -23.10
CA LYS A 228 7.61 -7.93 -24.48
C LYS A 228 6.22 -8.01 -25.12
N GLU A 229 5.53 -9.13 -24.91
CA GLU A 229 4.19 -9.32 -25.45
C GLU A 229 3.23 -8.25 -24.92
N ALA A 230 3.23 -8.02 -23.60
CA ALA A 230 2.29 -7.09 -23.01
C ALA A 230 2.56 -5.66 -23.46
N ILE A 231 3.83 -5.29 -23.60
CA ILE A 231 4.17 -3.98 -24.16
C ILE A 231 3.58 -3.82 -25.55
N ASP A 232 3.76 -4.83 -26.40
CA ASP A 232 3.26 -4.75 -27.77
C ASP A 232 1.74 -4.83 -27.83
N LYS A 233 1.14 -5.66 -26.97
CA LYS A 233 -0.32 -5.73 -26.91
C LYS A 233 -0.90 -4.38 -26.50
N ALA A 234 -0.26 -3.67 -25.58
CA ALA A 234 -0.68 -2.34 -25.19
C ALA A 234 -0.31 -1.27 -26.20
N GLY A 235 0.53 -1.59 -27.19
CA GLY A 235 0.86 -0.65 -28.25
C GLY A 235 1.89 0.40 -27.88
N TYR A 236 2.92 0.02 -27.12
CA TYR A 236 3.99 0.93 -26.72
C TYR A 236 5.35 0.31 -27.00
N THR A 237 5.51 -0.25 -28.20
CA THR A 237 6.69 -1.05 -28.51
C THR A 237 7.99 -0.25 -28.36
N GLU A 238 8.04 0.96 -28.90
CA GLU A 238 9.26 1.76 -28.85
C GLU A 238 9.24 2.81 -27.74
N LYS A 239 8.16 2.91 -26.98
CA LYS A 239 8.11 3.85 -25.87
C LYS A 239 8.53 3.22 -24.55
N ILE A 240 8.57 1.90 -24.46
CA ILE A 240 8.81 1.20 -23.20
C ILE A 240 9.91 0.17 -23.39
N VAL A 241 10.82 0.10 -22.43
CA VAL A 241 12.00 -0.75 -22.48
C VAL A 241 12.12 -1.52 -21.17
N ILE A 242 12.84 -2.66 -21.24
CA ILE A 242 12.90 -3.62 -20.13
C ILE A 242 14.17 -3.42 -19.33
N GLY A 243 14.04 -3.46 -18.01
CA GLY A 243 15.18 -3.51 -17.12
C GLY A 243 15.11 -4.76 -16.25
N MET A 244 16.28 -5.22 -15.80
CA MET A 244 16.37 -6.48 -15.10
C MET A 244 17.15 -6.34 -13.80
N ASP A 245 16.68 -7.03 -12.76
CA ASP A 245 17.41 -7.25 -11.51
C ASP A 245 17.60 -8.76 -11.39
N VAL A 246 18.81 -9.24 -11.69
CA VAL A 246 19.04 -10.68 -11.71
C VAL A 246 19.16 -11.24 -10.30
N ALA A 247 19.84 -10.51 -9.41
CA ALA A 247 20.15 -11.00 -8.06
C ALA A 247 20.85 -12.34 -8.14
N ALA A 248 21.92 -12.39 -8.93
CA ALA A 248 22.62 -13.65 -9.20
C ALA A 248 23.32 -14.22 -7.97
N SER A 249 23.51 -13.41 -6.93
CA SER A 249 24.09 -13.94 -5.70
C SER A 249 23.21 -14.99 -5.05
N GLU A 250 21.91 -15.01 -5.38
CA GLU A 250 21.00 -15.98 -4.77
C GLU A 250 21.23 -17.38 -5.31
N PHE A 251 21.67 -17.51 -6.57
CA PHE A 251 21.82 -18.83 -7.18
C PHE A 251 23.25 -19.08 -7.68
N TYR A 252 24.23 -18.48 -7.01
CA TYR A 252 25.64 -18.79 -7.23
C TYR A 252 25.98 -20.05 -6.44
N ARG A 253 26.13 -21.18 -7.13
CA ARG A 253 26.33 -22.47 -6.50
C ARG A 253 27.57 -23.14 -7.08
N ASP A 254 28.51 -23.50 -6.20
CA ASP A 254 29.68 -24.31 -6.55
C ASP A 254 30.55 -23.64 -7.61
N GLY A 255 30.65 -22.32 -7.57
CA GLY A 255 31.45 -21.56 -8.52
C GLY A 255 30.73 -21.20 -9.80
N LYS A 256 29.62 -21.85 -10.10
CA LYS A 256 28.81 -21.59 -11.28
C LYS A 256 27.50 -20.94 -10.86
N TYR A 257 26.60 -20.75 -11.82
CA TYR A 257 25.31 -20.10 -11.57
C TYR A 257 24.19 -21.05 -11.98
N ASP A 258 23.24 -21.24 -11.08
CA ASP A 258 22.19 -22.25 -11.20
C ASP A 258 20.85 -21.55 -11.35
N LEU A 259 20.36 -21.46 -12.58
CA LEU A 259 19.04 -20.89 -12.82
C LEU A 259 17.94 -21.93 -12.73
N ASP A 260 18.22 -23.08 -12.11
CA ASP A 260 17.23 -24.05 -11.67
C ASP A 260 17.41 -24.29 -10.18
N PHE A 261 17.61 -23.20 -9.42
CA PHE A 261 18.05 -23.33 -8.03
C PHE A 261 16.93 -23.69 -7.06
N LYS A 262 15.68 -23.71 -7.52
CA LYS A 262 14.58 -24.19 -6.68
C LYS A 262 14.51 -25.71 -6.64
N SER A 263 15.44 -26.38 -7.31
CA SER A 263 15.45 -27.81 -7.54
C SER A 263 16.35 -28.49 -6.53
N PRO A 264 16.31 -29.82 -6.45
CA PRO A 264 17.34 -30.51 -5.66
C PRO A 264 18.70 -30.29 -6.32
N THR A 265 19.68 -29.88 -5.51
CA THR A 265 21.01 -29.53 -6.02
C THR A 265 21.51 -30.59 -6.99
N ASP A 266 21.82 -30.15 -8.20
CA ASP A 266 22.22 -31.06 -9.28
C ASP A 266 23.28 -30.42 -10.16
N PRO A 267 24.48 -30.99 -10.22
CA PRO A 267 25.55 -30.39 -11.06
C PRO A 267 25.21 -30.25 -12.55
N SER A 268 24.08 -30.76 -13.03
CA SER A 268 23.88 -30.94 -14.46
C SER A 268 23.56 -29.65 -15.22
N ARG A 269 23.14 -28.59 -14.54
CA ARG A 269 22.66 -27.41 -15.25
C ARG A 269 23.48 -26.14 -15.01
N TYR A 270 24.41 -26.14 -14.06
CA TYR A 270 25.10 -24.91 -13.72
C TYR A 270 26.08 -24.51 -14.82
N ILE A 271 26.17 -23.22 -15.11
CA ILE A 271 27.06 -22.70 -16.13
C ILE A 271 27.93 -21.60 -15.55
N THR A 272 29.03 -21.33 -16.24
CA THR A 272 30.02 -20.33 -15.85
C THR A 272 29.53 -18.92 -16.20
N GLY A 273 30.09 -17.92 -15.49
CA GLY A 273 29.78 -16.53 -15.78
C GLY A 273 29.95 -16.13 -17.23
N ASP A 274 30.97 -16.69 -17.91
CA ASP A 274 31.14 -16.41 -19.34
C ASP A 274 29.92 -16.87 -20.13
N GLN A 275 29.45 -18.09 -19.87
CA GLN A 275 28.28 -18.60 -20.56
C GLN A 275 27.02 -17.86 -20.13
N LEU A 276 27.02 -17.30 -18.92
CA LEU A 276 25.88 -16.50 -18.46
C LEU A 276 25.77 -15.20 -19.25
N GLY A 277 26.91 -14.58 -19.55
CA GLY A 277 26.90 -13.38 -20.37
C GLY A 277 26.41 -13.63 -21.79
N ALA A 278 26.69 -14.82 -22.33
CA ALA A 278 26.16 -15.18 -23.65
C ALA A 278 24.63 -15.19 -23.64
N LEU A 279 24.04 -15.69 -22.55
CA LEU A 279 22.59 -15.61 -22.42
C LEU A 279 22.12 -14.16 -22.28
N TYR A 280 22.92 -13.33 -21.60
CA TYR A 280 22.58 -11.92 -21.47
C TYR A 280 22.65 -11.21 -22.81
N GLN A 281 23.73 -11.44 -23.56
CA GLN A 281 23.85 -10.85 -24.89
C GLN A 281 22.69 -11.31 -25.78
N ASP A 282 22.28 -12.56 -25.66
CA ASP A 282 21.09 -13.02 -26.37
C ASP A 282 19.83 -12.35 -25.82
N PHE A 283 19.80 -12.06 -24.52
CA PHE A 283 18.69 -11.27 -23.97
C PHE A 283 18.71 -9.86 -24.55
N VAL A 284 19.89 -9.23 -24.58
CA VAL A 284 19.97 -7.85 -25.05
C VAL A 284 19.74 -7.76 -26.55
N ARG A 285 20.15 -8.77 -27.31
CA ARG A 285 19.94 -8.72 -28.76
C ARG A 285 18.52 -9.11 -29.15
N ASP A 286 17.88 -9.98 -28.37
CA ASP A 286 16.51 -10.40 -28.67
C ASP A 286 15.47 -9.50 -28.02
N TYR A 287 15.81 -8.85 -26.91
CA TYR A 287 14.84 -8.08 -26.16
C TYR A 287 15.36 -6.67 -25.92
N PRO A 288 14.48 -5.74 -25.72
CA PRO A 288 14.92 -4.38 -25.34
C PRO A 288 15.30 -4.31 -23.86
N VAL A 289 16.48 -4.85 -23.54
CA VAL A 289 17.01 -4.82 -22.18
C VAL A 289 18.12 -3.79 -22.15
N VAL A 290 17.90 -2.71 -21.40
CA VAL A 290 18.89 -1.64 -21.28
C VAL A 290 19.56 -1.60 -19.91
N SER A 291 19.04 -2.32 -18.92
CA SER A 291 19.60 -2.25 -17.58
C SER A 291 19.53 -3.62 -16.94
N ILE A 292 20.65 -4.09 -16.40
CA ILE A 292 20.72 -5.37 -15.72
C ILE A 292 21.36 -5.17 -14.35
N GLU A 293 20.69 -5.64 -13.30
CA GLU A 293 21.15 -5.50 -11.92
C GLU A 293 21.63 -6.85 -11.40
N ASP A 294 22.75 -6.82 -10.67
CA ASP A 294 23.42 -8.00 -10.12
C ASP A 294 23.52 -9.14 -11.14
N PRO A 295 24.19 -8.92 -12.28
CA PRO A 295 24.37 -10.02 -13.24
C PRO A 295 25.22 -11.17 -12.71
N PHE A 296 26.09 -10.92 -11.74
CA PHE A 296 26.94 -11.96 -11.18
C PHE A 296 26.95 -11.83 -9.66
N ASP A 297 27.79 -12.64 -9.01
CA ASP A 297 27.85 -12.64 -7.57
C ASP A 297 28.49 -11.35 -7.04
N GLN A 298 28.19 -11.04 -5.77
CA GLN A 298 28.69 -9.83 -5.14
C GLN A 298 30.20 -9.83 -4.94
N ASP A 299 30.87 -10.97 -5.14
CA ASP A 299 32.32 -11.05 -5.04
C ASP A 299 32.97 -11.63 -6.29
N ASP A 300 32.22 -11.74 -7.39
CA ASP A 300 32.76 -12.25 -8.66
C ASP A 300 33.12 -11.10 -9.58
N TRP A 301 34.05 -10.27 -9.10
CA TRP A 301 34.36 -9.02 -9.77
C TRP A 301 34.93 -9.23 -11.18
N ALA A 302 35.54 -10.39 -11.44
CA ALA A 302 36.13 -10.64 -12.74
C ALA A 302 35.07 -10.62 -13.84
N ALA A 303 33.97 -11.35 -13.63
CA ALA A 303 32.88 -11.34 -14.61
C ALA A 303 32.22 -9.97 -14.70
N TRP A 304 32.18 -9.23 -13.60
CA TRP A 304 31.56 -7.91 -13.60
C TRP A 304 32.32 -6.95 -14.50
N SER A 305 33.62 -6.79 -14.25
CA SER A 305 34.43 -5.90 -15.07
C SER A 305 34.47 -6.37 -16.52
N LYS A 306 34.57 -7.68 -16.74
CA LYS A 306 34.61 -8.22 -18.09
C LYS A 306 33.29 -7.99 -18.83
N PHE A 307 32.18 -7.88 -18.11
CA PHE A 307 30.89 -7.68 -18.76
C PHE A 307 30.64 -6.21 -19.08
N THR A 308 31.06 -5.30 -18.20
CA THR A 308 30.79 -3.88 -18.41
C THR A 308 31.52 -3.34 -19.63
N ALA A 309 32.81 -3.67 -19.77
CA ALA A 309 33.56 -3.22 -20.94
C ALA A 309 33.07 -3.88 -22.21
N ASN A 310 32.53 -5.09 -22.11
CA ASN A 310 32.03 -5.82 -23.27
C ASN A 310 30.67 -5.32 -23.74
N VAL A 311 29.91 -4.65 -22.88
CA VAL A 311 28.54 -4.27 -23.17
C VAL A 311 28.41 -2.75 -23.10
N GLY A 312 27.28 -2.24 -23.57
CA GLY A 312 27.03 -0.82 -23.57
C GLY A 312 25.83 -0.40 -22.75
N ILE A 313 25.05 -1.38 -22.28
CA ILE A 313 23.85 -1.09 -21.51
C ILE A 313 24.23 -0.73 -20.08
N GLN A 314 23.24 -0.34 -19.28
CA GLN A 314 23.49 0.03 -17.89
C GLN A 314 23.60 -1.20 -17.01
N ILE A 315 24.66 -1.25 -16.21
CA ILE A 315 24.86 -2.30 -15.21
C ILE A 315 24.89 -1.64 -13.84
N VAL A 316 23.95 -2.03 -12.98
CA VAL A 316 23.74 -1.37 -11.69
C VAL A 316 24.12 -2.34 -10.57
N GLY A 317 24.92 -1.86 -9.63
CA GLY A 317 25.34 -2.67 -8.50
C GLY A 317 24.41 -2.52 -7.31
N ASP A 318 23.87 -3.64 -6.84
CA ASP A 318 22.98 -3.66 -5.68
C ASP A 318 23.66 -4.40 -4.53
N ASP A 319 23.84 -5.72 -4.65
CA ASP A 319 24.45 -6.48 -3.58
C ASP A 319 25.95 -6.29 -3.49
N LEU A 320 26.62 -5.81 -4.55
CA LEU A 320 28.05 -5.64 -4.47
C LEU A 320 28.47 -4.24 -4.02
N THR A 321 27.61 -3.24 -4.16
CA THR A 321 27.91 -1.92 -3.63
C THR A 321 27.20 -1.60 -2.32
N VAL A 322 26.07 -2.28 -2.06
CA VAL A 322 25.23 -2.11 -0.86
C VAL A 322 25.20 -0.66 -0.37
N THR A 323 25.16 0.29 -1.30
CA THR A 323 25.15 1.72 -0.99
C THR A 323 26.30 2.08 -0.04
N ASN A 324 27.40 1.33 -0.13
CA ASN A 324 28.53 1.49 0.77
C ASN A 324 29.63 2.24 0.04
N PRO A 325 29.97 3.47 0.46
CA PRO A 325 30.89 4.30 -0.33
C PRO A 325 32.23 3.64 -0.62
N LYS A 326 32.85 2.99 0.37
CA LYS A 326 34.17 2.40 0.12
C LYS A 326 34.08 1.19 -0.80
N ARG A 327 32.97 0.45 -0.77
CA ARG A 327 32.78 -0.61 -1.74
C ARG A 327 32.51 -0.04 -3.13
N ILE A 328 31.83 1.11 -3.21
CA ILE A 328 31.62 1.78 -4.49
C ILE A 328 32.95 2.22 -5.08
N GLU A 329 33.86 2.73 -4.23
CA GLU A 329 35.18 3.14 -4.68
C GLU A 329 35.90 1.99 -5.40
N ARG A 330 35.73 0.77 -4.90
CA ARG A 330 36.35 -0.39 -5.54
C ARG A 330 35.73 -0.67 -6.90
N ALA A 331 34.40 -0.63 -6.99
CA ALA A 331 33.72 -0.92 -8.25
C ALA A 331 34.00 0.14 -9.31
N VAL A 332 34.36 1.37 -8.90
CA VAL A 332 34.75 2.40 -9.86
C VAL A 332 36.07 2.02 -10.52
N GLU A 333 37.12 1.83 -9.72
CA GLU A 333 38.44 1.54 -10.27
C GLU A 333 38.48 0.18 -10.96
N GLU A 334 37.64 -0.76 -10.52
CA GLU A 334 37.54 -2.06 -11.17
C GLU A 334 36.57 -2.03 -12.35
N LYS A 335 35.85 -0.93 -12.55
CA LYS A 335 34.87 -0.79 -13.63
C LYS A 335 33.91 -1.98 -13.69
N ALA A 336 33.49 -2.43 -12.51
CA ALA A 336 32.56 -3.56 -12.45
C ALA A 336 31.19 -3.19 -12.98
N CYS A 337 30.76 -1.94 -12.77
CA CYS A 337 29.44 -1.50 -13.19
C CYS A 337 29.48 0.00 -13.48
N ASN A 338 28.34 0.52 -13.95
CA ASN A 338 28.21 1.93 -14.30
C ASN A 338 27.00 2.58 -13.64
N CYS A 339 26.35 1.91 -12.69
CA CYS A 339 25.18 2.48 -12.05
C CYS A 339 25.11 2.04 -10.60
N LEU A 340 24.66 2.94 -9.74
CA LEU A 340 24.58 2.68 -8.31
C LEU A 340 23.11 2.57 -7.90
N LEU A 341 22.76 1.47 -7.23
CA LEU A 341 21.46 1.37 -6.60
C LEU A 341 21.52 2.08 -5.26
N LEU A 342 20.66 3.07 -5.06
CA LEU A 342 20.69 3.90 -3.85
C LEU A 342 19.55 3.46 -2.93
N LYS A 343 19.87 2.59 -1.98
CA LYS A 343 18.97 2.24 -0.89
C LYS A 343 19.39 3.05 0.32
N VAL A 344 18.62 4.10 0.63
CA VAL A 344 19.01 5.03 1.69
C VAL A 344 19.17 4.33 3.03
N ASN A 345 18.34 3.31 3.31
CA ASN A 345 18.44 2.60 4.58
C ASN A 345 19.61 1.64 4.62
N GLN A 346 20.27 1.37 3.49
CA GLN A 346 21.49 0.57 3.50
C GLN A 346 22.70 1.37 3.97
N ILE A 347 22.62 2.70 3.94
CA ILE A 347 23.70 3.53 4.45
C ILE A 347 23.32 4.24 5.74
N GLY A 348 22.04 4.58 5.94
CA GLY A 348 21.54 4.95 7.26
C GLY A 348 21.28 6.42 7.51
N SER A 349 21.54 7.30 6.56
CA SER A 349 21.31 8.73 6.78
C SER A 349 21.19 9.44 5.44
N VAL A 350 20.55 10.60 5.50
CA VAL A 350 20.34 11.39 4.27
C VAL A 350 21.66 11.97 3.78
N THR A 351 22.49 12.48 4.69
CA THR A 351 23.78 13.04 4.31
C THR A 351 24.63 12.03 3.57
N GLU A 352 24.77 10.83 4.12
CA GLU A 352 25.64 9.84 3.49
C GLU A 352 25.05 9.30 2.20
N ALA A 353 23.72 9.31 2.08
CA ALA A 353 23.11 8.88 0.83
C ALA A 353 23.33 9.91 -0.27
N ILE A 354 23.29 11.21 0.08
CA ILE A 354 23.55 12.25 -0.90
C ILE A 354 25.00 12.18 -1.38
N GLN A 355 25.93 12.02 -0.44
CA GLN A 355 27.34 11.94 -0.82
C GLN A 355 27.63 10.68 -1.61
N ALA A 356 26.94 9.57 -1.30
CA ALA A 356 27.13 8.36 -2.09
C ALA A 356 26.62 8.54 -3.52
N CYS A 357 25.51 9.27 -3.68
CA CYS A 357 25.01 9.54 -5.01
C CYS A 357 25.95 10.48 -5.77
N LYS A 358 26.35 11.59 -5.14
CA LYS A 358 27.24 12.53 -5.80
C LYS A 358 28.59 11.91 -6.12
N LEU A 359 29.03 10.94 -5.31
CA LEU A 359 30.28 10.25 -5.59
C LEU A 359 30.16 9.45 -6.88
N ALA A 360 29.02 8.78 -7.09
CA ALA A 360 28.82 8.05 -8.33
C ALA A 360 28.63 8.99 -9.51
N GLN A 361 27.93 10.11 -9.30
CA GLN A 361 27.66 11.03 -10.40
C GLN A 361 28.92 11.70 -10.91
N GLU A 362 29.82 12.10 -10.01
CA GLU A 362 31.08 12.71 -10.44
C GLU A 362 31.95 11.75 -11.23
N ASN A 363 31.71 10.45 -11.13
CA ASN A 363 32.47 9.44 -11.86
C ASN A 363 31.70 8.89 -13.05
N GLY A 364 30.74 9.64 -13.58
CA GLY A 364 30.01 9.23 -14.76
C GLY A 364 29.08 8.05 -14.56
N TRP A 365 28.82 7.65 -13.32
CA TRP A 365 27.89 6.56 -13.07
C TRP A 365 26.45 7.05 -13.12
N GLY A 366 25.55 6.13 -13.47
CA GLY A 366 24.15 6.35 -13.19
C GLY A 366 23.81 6.01 -11.75
N VAL A 367 22.67 6.50 -11.31
CA VAL A 367 22.15 6.21 -9.98
C VAL A 367 20.67 5.91 -10.12
N MET A 368 20.21 4.87 -9.42
CA MET A 368 18.78 4.53 -9.42
C MET A 368 18.32 4.47 -7.97
N VAL A 369 17.49 5.44 -7.57
CA VAL A 369 16.90 5.41 -6.24
C VAL A 369 15.98 4.20 -6.13
N SER A 370 16.06 3.50 -5.01
CA SER A 370 15.41 2.21 -4.85
C SER A 370 14.57 2.16 -3.59
N HIS A 371 13.47 1.41 -3.69
CA HIS A 371 12.66 1.03 -2.54
C HIS A 371 13.25 -0.19 -1.86
N ARG A 372 12.57 -0.67 -0.83
CA ARG A 372 12.85 -1.98 -0.23
C ARG A 372 11.62 -2.86 -0.40
N SER A 373 11.84 -4.18 -0.30
CA SER A 373 10.74 -5.12 -0.37
C SER A 373 9.73 -4.87 0.76
N GLY A 374 10.21 -4.44 1.92
CA GLY A 374 9.32 -3.97 2.97
C GLY A 374 9.26 -2.46 3.00
N GLU A 375 8.15 -1.89 2.54
CA GLU A 375 7.99 -0.45 2.45
C GLU A 375 6.87 0.02 3.40
N THR A 376 6.71 1.34 3.46
CA THR A 376 5.62 1.94 4.23
C THR A 376 4.90 2.95 3.35
N GLU A 377 3.94 3.67 3.93
CA GLU A 377 3.25 4.74 3.24
C GLU A 377 4.08 6.02 3.12
N ASP A 378 5.33 6.01 3.59
CA ASP A 378 6.22 7.16 3.46
C ASP A 378 6.61 7.39 2.00
N THR A 379 6.78 8.66 1.62
CA THR A 379 7.06 9.04 0.24
C THR A 379 8.34 9.85 0.12
N PHE A 380 9.31 9.62 1.01
CA PHE A 380 10.51 10.45 1.03
C PHE A 380 11.33 10.29 -0.25
N ILE A 381 11.52 9.04 -0.71
CA ILE A 381 12.40 8.81 -1.85
C ILE A 381 11.87 9.43 -3.14
N ALA A 382 10.57 9.76 -3.19
CA ALA A 382 10.04 10.47 -4.36
C ALA A 382 10.66 11.86 -4.47
N ASP A 383 10.67 12.61 -3.37
CA ASP A 383 11.35 13.89 -3.36
C ASP A 383 12.86 13.72 -3.48
N LEU A 384 13.40 12.62 -2.96
CA LEU A 384 14.84 12.38 -3.02
C LEU A 384 15.33 12.24 -4.46
N VAL A 385 14.59 11.50 -5.30
CA VAL A 385 15.04 11.25 -6.66
C VAL A 385 14.93 12.52 -7.50
N VAL A 386 14.05 13.44 -7.13
CA VAL A 386 13.92 14.70 -7.86
C VAL A 386 15.03 15.66 -7.47
N GLY A 387 15.32 15.78 -6.17
CA GLY A 387 16.38 16.68 -5.74
C GLY A 387 17.78 16.21 -6.13
N LEU A 388 17.99 14.90 -6.14
CA LEU A 388 19.28 14.33 -6.55
C LEU A 388 19.47 14.33 -8.05
N CYS A 389 18.42 14.60 -8.83
CA CYS A 389 18.48 14.59 -10.30
C CYS A 389 19.00 13.26 -10.82
N THR A 390 18.56 12.17 -10.19
CA THR A 390 19.00 10.84 -10.53
C THR A 390 18.46 10.39 -11.87
N GLY A 391 17.20 10.70 -12.17
CA GLY A 391 16.64 10.37 -13.45
C GLY A 391 16.03 8.98 -13.56
N GLN A 392 16.10 8.17 -12.52
CA GLN A 392 15.56 6.81 -12.59
C GLN A 392 15.28 6.29 -11.19
N ILE A 393 14.06 5.81 -10.97
CA ILE A 393 13.67 5.28 -9.68
C ILE A 393 12.92 3.98 -9.91
N LYS A 394 13.20 2.98 -9.06
CA LYS A 394 12.39 1.78 -9.01
C LYS A 394 11.78 1.68 -7.61
N THR A 395 10.44 1.69 -7.55
CA THR A 395 9.76 1.60 -6.27
C THR A 395 8.46 0.81 -6.42
N GLY A 396 8.51 -0.27 -7.18
CA GLY A 396 7.45 -1.26 -7.21
C GLY A 396 6.64 -1.21 -8.50
N ALA A 397 5.78 -2.23 -8.64
CA ALA A 397 4.76 -2.23 -9.69
C ALA A 397 3.77 -1.10 -9.43
N PRO A 398 2.96 -0.73 -10.43
CA PRO A 398 1.86 0.20 -10.20
C PRO A 398 0.70 -0.46 -9.46
N CYS A 399 1.02 -1.17 -8.38
CA CYS A 399 0.07 -1.92 -7.57
C CYS A 399 0.60 -1.95 -6.15
N ARG A 400 -0.32 -1.92 -5.17
CA ARG A 400 -0.03 -1.78 -3.74
C ARG A 400 0.42 -0.36 -3.43
N SER A 401 -0.26 0.31 -2.49
CA SER A 401 -0.08 1.74 -2.29
C SER A 401 1.21 2.13 -1.57
N GLU A 402 1.97 1.18 -1.01
CA GLU A 402 3.31 1.55 -0.57
C GLU A 402 4.21 1.83 -1.77
N ARG A 403 3.83 1.33 -2.94
CA ARG A 403 4.49 1.67 -4.19
C ARG A 403 3.86 2.92 -4.81
N LEU A 404 2.53 2.94 -4.96
CA LEU A 404 1.85 4.05 -5.63
C LEU A 404 2.02 5.36 -4.88
N ALA A 405 2.18 5.33 -3.56
CA ALA A 405 2.35 6.57 -2.80
C ALA A 405 3.57 7.35 -3.31
N LYS A 406 4.64 6.66 -3.69
CA LYS A 406 5.79 7.34 -4.27
C LYS A 406 5.46 7.83 -5.68
N TYR A 407 4.89 6.96 -6.50
CA TYR A 407 4.50 7.35 -7.86
C TYR A 407 3.50 8.49 -7.84
N ASN A 408 2.54 8.46 -6.91
CA ASN A 408 1.59 9.55 -6.82
C ASN A 408 2.28 10.84 -6.41
N GLN A 409 3.24 10.76 -5.50
CA GLN A 409 3.95 11.95 -5.07
C GLN A 409 4.80 12.54 -6.20
N LEU A 410 5.42 11.68 -7.01
CA LEU A 410 6.18 12.17 -8.16
C LEU A 410 5.27 12.90 -9.14
N MET A 411 4.04 12.41 -9.32
CA MET A 411 3.07 13.12 -10.16
C MET A 411 2.71 14.47 -9.55
N ARG A 412 2.62 14.55 -8.22
CA ARG A 412 2.36 15.82 -7.56
C ARG A 412 3.55 16.77 -7.71
N ILE A 413 4.77 16.23 -7.69
CA ILE A 413 5.95 17.06 -7.85
C ILE A 413 6.03 17.64 -9.25
N GLU A 414 5.71 16.82 -10.27
CA GLU A 414 5.70 17.31 -11.64
C GLU A 414 4.66 18.41 -11.83
N GLU A 415 3.47 18.22 -11.26
CA GLU A 415 2.43 19.25 -11.35
C GLU A 415 2.85 20.54 -10.66
N GLU A 416 3.60 20.43 -9.55
CA GLU A 416 4.02 21.62 -8.84
C GLU A 416 5.12 22.37 -9.59
N LEU A 417 6.04 21.62 -10.21
CA LEU A 417 7.09 22.27 -11.00
C LEU A 417 6.54 22.96 -12.24
N GLY A 418 5.44 22.45 -12.79
CA GLY A 418 4.80 23.04 -13.94
C GLY A 418 5.66 23.05 -15.18
N ASP A 419 5.91 24.23 -15.74
CA ASP A 419 6.68 24.36 -16.96
C ASP A 419 8.17 24.10 -16.76
N GLU A 420 8.65 24.18 -15.52
CA GLU A 420 10.05 23.88 -15.21
C GLU A 420 10.31 22.40 -15.02
N ALA A 421 9.29 21.56 -15.24
CA ALA A 421 9.45 20.12 -15.08
C ALA A 421 10.10 19.52 -16.32
N ARG A 422 11.06 18.64 -16.11
CA ARG A 422 11.72 17.89 -17.17
C ARG A 422 11.60 16.41 -16.89
N PHE A 423 11.26 15.64 -17.91
CA PHE A 423 11.20 14.18 -17.82
C PHE A 423 12.49 13.62 -18.41
N ALA A 424 13.13 12.71 -17.67
CA ALA A 424 14.44 12.20 -18.09
C ALA A 424 14.34 11.47 -19.42
N GLY A 425 13.28 10.70 -19.61
CA GLY A 425 13.07 10.02 -20.88
C GLY A 425 14.18 9.06 -21.21
N HIS A 426 14.71 9.19 -22.42
CA HIS A 426 15.80 8.33 -22.88
C HIS A 426 17.14 8.72 -22.27
N ASN A 427 17.22 9.81 -21.51
CA ASN A 427 18.43 10.24 -20.82
C ASN A 427 18.37 9.92 -19.32
N PHE A 428 17.75 8.79 -18.95
CA PHE A 428 17.68 8.42 -17.54
C PHE A 428 19.05 8.10 -16.94
N ARG A 429 20.04 7.75 -17.76
CA ARG A 429 21.37 7.48 -17.23
C ARG A 429 22.17 8.76 -16.99
N ASN A 430 21.94 9.80 -17.78
CA ASN A 430 22.72 11.05 -17.70
C ASN A 430 21.80 12.25 -17.90
N PRO A 431 20.87 12.48 -16.96
CA PRO A 431 19.90 13.57 -17.16
C PRO A 431 20.51 14.96 -17.10
N SER A 432 21.80 15.10 -16.76
CA SER A 432 22.41 16.41 -16.64
C SER A 432 22.59 17.11 -17.98
N VAL A 433 22.22 16.49 -19.10
CA VAL A 433 22.37 17.10 -20.42
C VAL A 433 21.11 17.80 -20.89
N LEU A 434 20.04 17.75 -20.11
CA LEU A 434 18.75 18.32 -20.52
C LEU A 434 18.54 19.73 -19.96
N MET B 1 -12.91 28.92 8.34
CA MET B 1 -13.02 30.14 7.54
C MET B 1 -13.35 29.79 6.09
N SER B 2 -13.35 30.79 5.22
CA SER B 2 -13.65 30.58 3.82
C SER B 2 -12.60 29.69 3.15
N ILE B 3 -13.03 28.98 2.12
CA ILE B 3 -12.12 28.15 1.34
C ILE B 3 -11.38 29.04 0.34
N GLU B 4 -10.06 28.96 0.34
CA GLU B 4 -9.27 29.77 -0.57
C GLU B 4 -9.16 29.13 -1.95
N LYS B 5 -8.88 27.82 -1.99
CA LYS B 5 -8.66 27.13 -3.25
C LYS B 5 -8.97 25.65 -3.08
N ILE B 6 -9.59 25.07 -4.11
CA ILE B 6 -9.80 23.63 -4.20
C ILE B 6 -9.24 23.18 -5.54
N TRP B 7 -8.21 22.33 -5.49
CA TRP B 7 -7.61 21.77 -6.70
C TRP B 7 -7.69 20.25 -6.64
N ALA B 8 -8.26 19.65 -7.68
CA ALA B 8 -8.41 18.21 -7.77
C ALA B 8 -7.48 17.67 -8.86
N ARG B 9 -7.05 16.42 -8.67
CA ARG B 9 -6.16 15.78 -9.62
C ARG B 9 -6.50 14.29 -9.66
N GLU B 10 -5.81 13.57 -10.54
CA GLU B 10 -6.00 12.15 -10.75
C GLU B 10 -4.76 11.40 -10.27
N ILE B 11 -4.96 10.45 -9.37
CA ILE B 11 -3.88 9.61 -8.86
C ILE B 11 -4.25 8.15 -9.13
N LEU B 12 -3.29 7.26 -8.90
CA LEU B 12 -3.52 5.83 -9.04
C LEU B 12 -3.84 5.19 -7.70
N ASP B 13 -4.84 4.31 -7.68
CA ASP B 13 -5.21 3.60 -6.46
C ASP B 13 -4.37 2.33 -6.33
N SER B 14 -4.71 1.50 -5.35
CA SER B 14 -3.88 0.35 -4.99
C SER B 14 -3.89 -0.75 -6.04
N ARG B 15 -4.81 -0.70 -6.99
CA ARG B 15 -4.83 -1.67 -8.08
C ARG B 15 -4.22 -1.09 -9.35
N GLY B 16 -3.85 0.19 -9.35
CA GLY B 16 -3.30 0.84 -10.51
C GLY B 16 -4.30 1.63 -11.33
N ASN B 17 -5.49 1.88 -10.81
CA ASN B 17 -6.53 2.57 -11.54
C ASN B 17 -6.69 3.99 -11.04
N PRO B 18 -7.00 4.93 -11.93
CA PRO B 18 -7.12 6.32 -11.51
C PRO B 18 -8.27 6.54 -10.53
N THR B 19 -8.08 7.52 -9.65
CA THR B 19 -9.13 7.94 -8.73
C THR B 19 -8.88 9.40 -8.34
N VAL B 20 -9.84 9.97 -7.64
CA VAL B 20 -9.84 11.41 -7.37
C VAL B 20 -8.99 11.70 -6.14
N GLU B 21 -8.21 12.79 -6.22
CA GLU B 21 -7.55 13.40 -5.07
C GLU B 21 -7.88 14.89 -5.06
N VAL B 22 -8.11 15.43 -3.87
CA VAL B 22 -8.57 16.81 -3.71
C VAL B 22 -7.65 17.53 -2.73
N ASP B 23 -7.12 18.68 -3.16
CA ASP B 23 -6.35 19.56 -2.29
C ASP B 23 -7.20 20.79 -1.98
N LEU B 24 -7.54 20.98 -0.71
CA LEU B 24 -8.31 22.13 -0.28
C LEU B 24 -7.41 23.04 0.56
N TYR B 25 -7.42 24.32 0.26
CA TYR B 25 -6.60 25.31 0.94
C TYR B 25 -7.47 26.25 1.75
N THR B 26 -7.09 26.47 3.01
CA THR B 26 -7.69 27.53 3.81
C THR B 26 -6.56 28.40 4.36
N ALA B 27 -6.88 29.34 5.24
CA ALA B 27 -5.83 30.14 5.87
C ALA B 27 -4.91 29.28 6.73
N LYS B 28 -5.34 28.08 7.11
CA LYS B 28 -4.52 27.17 7.90
C LYS B 28 -3.74 26.16 7.06
N GLY B 29 -3.81 26.25 5.74
CA GLY B 29 -2.95 25.43 4.91
C GLY B 29 -3.65 24.45 3.98
N LEU B 30 -2.94 23.40 3.57
CA LEU B 30 -3.44 22.42 2.63
C LEU B 30 -4.05 21.24 3.37
N PHE B 31 -5.14 20.70 2.80
CA PHE B 31 -5.80 19.51 3.34
C PHE B 31 -6.14 18.59 2.17
N ARG B 32 -5.57 17.39 2.19
CA ARG B 32 -5.61 16.48 1.06
C ARG B 32 -6.42 15.24 1.42
N ALA B 33 -7.16 14.73 0.43
CA ALA B 33 -7.96 13.51 0.62
C ALA B 33 -8.13 12.84 -0.73
N ALA B 34 -8.02 11.51 -0.73
CA ALA B 34 -8.20 10.71 -1.92
C ALA B 34 -9.42 9.80 -1.75
N VAL B 35 -10.02 9.43 -2.88
CA VAL B 35 -11.25 8.63 -2.89
C VAL B 35 -10.91 7.20 -3.26
N PRO B 36 -11.48 6.20 -2.57
CA PRO B 36 -11.30 4.80 -3.00
C PRO B 36 -12.18 4.47 -4.19
N SER B 37 -11.95 3.29 -4.75
CA SER B 37 -12.71 2.84 -5.92
C SER B 37 -14.13 2.47 -5.52
N GLY B 38 -15.11 2.97 -6.28
CA GLY B 38 -16.50 2.64 -6.05
C GLY B 38 -17.11 1.86 -7.20
N ALA B 39 -18.33 2.21 -7.59
CA ALA B 39 -19.00 1.60 -8.72
C ALA B 39 -19.52 2.68 -9.65
N SER B 40 -19.50 2.39 -10.96
CA SER B 40 -20.00 3.33 -11.94
C SER B 40 -21.43 3.03 -12.39
N THR B 41 -21.93 1.82 -12.14
CA THR B 41 -23.32 1.47 -12.40
C THR B 41 -23.90 0.79 -11.17
N GLY B 42 -25.17 1.07 -10.90
CA GLY B 42 -25.82 0.55 -9.72
C GLY B 42 -27.15 1.22 -9.44
N ILE B 43 -28.16 0.44 -9.04
CA ILE B 43 -29.52 0.96 -8.91
C ILE B 43 -29.66 1.79 -7.64
N TYR B 44 -29.01 1.39 -6.54
CA TYR B 44 -29.19 2.03 -5.25
C TYR B 44 -28.01 2.93 -4.86
N GLU B 45 -26.79 2.42 -4.96
CA GLU B 45 -25.63 3.11 -4.42
C GLU B 45 -25.28 4.34 -5.27
N ALA B 46 -24.58 5.28 -4.63
CA ALA B 46 -24.04 6.42 -5.34
C ALA B 46 -22.98 5.95 -6.34
N LEU B 47 -22.95 6.60 -7.50
CA LEU B 47 -22.15 6.15 -8.63
C LEU B 47 -20.95 7.06 -8.83
N GLU B 48 -19.77 6.45 -8.97
CA GLU B 48 -18.58 7.18 -9.37
C GLU B 48 -18.57 7.41 -10.87
N LEU B 49 -18.02 8.54 -11.29
CA LEU B 49 -17.98 8.92 -12.70
C LEU B 49 -16.67 8.47 -13.33
N ARG B 50 -16.77 7.59 -14.32
CA ARG B 50 -15.62 7.15 -15.10
C ARG B 50 -15.64 7.82 -16.47
N ASP B 51 -14.46 8.06 -17.02
CA ASP B 51 -14.37 8.76 -18.30
C ASP B 51 -14.97 7.94 -19.43
N GLY B 52 -14.67 6.65 -19.48
CA GLY B 52 -15.10 5.81 -20.57
C GLY B 52 -14.18 5.76 -21.76
N ASP B 53 -13.04 6.45 -21.71
CA ASP B 53 -12.08 6.44 -22.81
C ASP B 53 -11.36 5.09 -22.82
N LYS B 54 -11.81 4.17 -23.68
CA LYS B 54 -11.21 2.84 -23.74
C LYS B 54 -9.75 2.88 -24.16
N GLN B 55 -9.29 3.99 -24.73
CA GLN B 55 -7.87 4.13 -25.06
C GLN B 55 -7.02 4.51 -23.87
N ARG B 56 -7.61 5.11 -22.83
CA ARG B 56 -6.87 5.67 -21.71
C ARG B 56 -7.29 4.96 -20.44
N TYR B 57 -6.39 4.17 -19.86
CA TYR B 57 -6.63 3.43 -18.62
C TYR B 57 -7.81 2.47 -18.76
N LEU B 58 -8.09 2.04 -19.99
CA LEU B 58 -9.23 1.15 -20.27
C LEU B 58 -10.54 1.75 -19.75
N GLY B 59 -10.71 3.05 -19.98
CA GLY B 59 -11.92 3.73 -19.56
C GLY B 59 -12.01 4.10 -18.10
N LYS B 60 -11.00 3.79 -17.30
CA LYS B 60 -11.06 3.99 -15.86
C LYS B 60 -10.71 5.41 -15.43
N GLY B 61 -10.43 6.31 -16.38
CA GLY B 61 -9.98 7.65 -16.01
C GLY B 61 -11.05 8.42 -15.27
N VAL B 62 -10.60 9.38 -14.45
CA VAL B 62 -11.51 10.22 -13.67
C VAL B 62 -11.26 11.68 -13.99
N LEU B 63 -10.85 11.97 -15.23
CA LEU B 63 -10.63 13.36 -15.64
C LEU B 63 -11.92 14.18 -15.61
N LYS B 64 -13.06 13.55 -15.92
CA LYS B 64 -14.33 14.29 -15.92
C LYS B 64 -14.73 14.68 -14.50
N ALA B 65 -14.63 13.74 -13.55
CA ALA B 65 -14.91 14.06 -12.15
C ALA B 65 -13.98 15.15 -11.65
N VAL B 66 -12.69 15.09 -12.02
CA VAL B 66 -11.74 16.11 -11.60
C VAL B 66 -12.12 17.48 -12.18
N ASP B 67 -12.56 17.50 -13.44
CA ASP B 67 -12.95 18.77 -14.05
C ASP B 67 -14.19 19.34 -13.39
N HIS B 68 -15.13 18.47 -12.99
CA HIS B 68 -16.32 18.95 -12.28
C HIS B 68 -15.94 19.63 -10.97
N ILE B 69 -14.93 19.10 -10.27
CA ILE B 69 -14.46 19.73 -9.04
C ILE B 69 -13.81 21.08 -9.35
N ASN B 70 -12.83 21.09 -10.26
CA ASN B 70 -12.04 22.29 -10.47
C ASN B 70 -12.84 23.39 -11.15
N SER B 71 -13.76 23.04 -12.04
CA SER B 71 -14.50 24.02 -12.82
C SER B 71 -15.84 24.41 -12.23
N THR B 72 -16.53 23.50 -11.54
CA THR B 72 -17.89 23.75 -11.08
C THR B 72 -18.00 23.77 -9.56
N ILE B 73 -17.59 22.71 -8.87
CA ILE B 73 -17.79 22.63 -7.43
C ILE B 73 -16.93 23.66 -6.70
N ALA B 74 -15.66 23.74 -7.05
CA ALA B 74 -14.75 24.64 -6.34
C ALA B 74 -15.18 26.10 -6.40
N PRO B 75 -15.52 26.69 -7.55
CA PRO B 75 -15.93 28.10 -7.54
C PRO B 75 -17.18 28.36 -6.70
N ALA B 76 -18.10 27.40 -6.62
CA ALA B 76 -19.34 27.63 -5.89
C ALA B 76 -19.14 27.60 -4.38
N LEU B 77 -18.36 26.64 -3.87
CA LEU B 77 -18.12 26.57 -2.43
C LEU B 77 -17.31 27.76 -1.94
N ILE B 78 -16.32 28.20 -2.72
CA ILE B 78 -15.55 29.38 -2.35
C ILE B 78 -16.45 30.62 -2.38
N SER B 79 -17.32 30.72 -3.39
CA SER B 79 -18.20 31.88 -3.49
C SER B 79 -19.19 31.95 -2.33
N SER B 80 -19.58 30.80 -1.78
CA SER B 80 -20.51 30.78 -0.67
C SER B 80 -19.93 31.40 0.59
N GLY B 81 -18.60 31.47 0.70
CA GLY B 81 -17.97 32.04 1.87
C GLY B 81 -18.22 31.25 3.13
N LEU B 82 -18.79 30.04 2.99
CA LEU B 82 -19.11 29.22 4.14
C LEU B 82 -17.83 28.78 4.85
N SER B 83 -17.88 28.81 6.18
CA SER B 83 -16.75 28.31 6.97
C SER B 83 -16.59 26.82 6.73
N VAL B 84 -15.34 26.36 6.79
CA VAL B 84 -15.06 24.96 6.51
C VAL B 84 -15.55 24.04 7.62
N VAL B 85 -15.96 24.60 8.76
CA VAL B 85 -16.54 23.79 9.81
C VAL B 85 -17.98 23.39 9.49
N GLU B 86 -18.64 24.13 8.60
CA GLU B 86 -20.03 23.85 8.24
C GLU B 86 -20.07 22.69 7.25
N GLN B 87 -19.80 21.49 7.78
CA GLN B 87 -19.78 20.29 6.95
C GLN B 87 -21.12 20.04 6.30
N GLU B 88 -22.21 20.16 7.07
CA GLU B 88 -23.53 19.87 6.53
C GLU B 88 -23.92 20.86 5.45
N LYS B 89 -23.61 22.15 5.65
CA LYS B 89 -23.93 23.17 4.65
C LYS B 89 -23.21 22.90 3.34
N LEU B 90 -21.89 22.70 3.41
CA LEU B 90 -21.11 22.52 2.19
C LEU B 90 -21.46 21.22 1.49
N ASP B 91 -21.72 20.15 2.24
CA ASP B 91 -22.18 18.90 1.62
C ASP B 91 -23.54 19.07 0.97
N ASN B 92 -24.47 19.75 1.65
CA ASN B 92 -25.78 20.01 1.05
C ASN B 92 -25.66 20.85 -0.21
N LEU B 93 -24.83 21.90 -0.18
CA LEU B 93 -24.66 22.75 -1.35
C LEU B 93 -24.12 21.98 -2.54
N MET B 94 -23.27 20.98 -2.29
CA MET B 94 -22.77 20.15 -3.38
C MET B 94 -23.82 19.17 -3.87
N LEU B 95 -24.70 18.70 -2.97
CA LEU B 95 -25.76 17.79 -3.37
C LEU B 95 -26.74 18.44 -4.33
N GLU B 96 -26.99 19.74 -4.17
CA GLU B 96 -27.95 20.45 -5.02
C GLU B 96 -27.34 20.91 -6.33
N LEU B 97 -26.07 21.30 -6.33
CA LEU B 97 -25.39 21.60 -7.59
C LEU B 97 -25.33 20.36 -8.48
N ASP B 98 -25.08 19.19 -7.88
CA ASP B 98 -25.12 17.95 -8.64
C ASP B 98 -26.55 17.60 -9.06
N GLY B 99 -27.51 17.81 -8.16
CA GLY B 99 -28.91 17.77 -8.50
C GLY B 99 -29.50 16.40 -8.76
N THR B 100 -28.72 15.33 -8.73
CA THR B 100 -29.26 14.00 -8.92
C THR B 100 -29.14 13.20 -7.63
N GLU B 101 -29.98 12.15 -7.53
CA GLU B 101 -30.13 11.42 -6.29
C GLU B 101 -28.93 10.52 -6.01
N ASN B 102 -28.34 9.91 -7.04
CA ASN B 102 -27.24 8.98 -6.87
C ASN B 102 -25.89 9.60 -7.21
N LYS B 103 -25.81 10.93 -7.28
CA LYS B 103 -24.57 11.65 -7.58
C LYS B 103 -23.95 11.17 -8.89
N SER B 104 -24.80 11.00 -9.92
CA SER B 104 -24.36 10.47 -11.20
C SER B 104 -23.88 11.53 -12.18
N LYS B 105 -24.18 12.81 -11.93
CA LYS B 105 -23.71 13.86 -12.84
C LYS B 105 -22.25 14.21 -12.55
N PHE B 106 -21.97 14.72 -11.35
CA PHE B 106 -20.61 15.05 -10.98
C PHE B 106 -19.81 13.81 -10.63
N GLY B 107 -20.45 12.79 -10.10
CA GLY B 107 -19.79 11.57 -9.67
C GLY B 107 -19.68 11.52 -8.16
N ALA B 108 -19.89 10.34 -7.59
CA ALA B 108 -19.74 10.16 -6.16
C ALA B 108 -18.29 10.35 -5.73
N ASN B 109 -17.34 10.03 -6.63
CA ASN B 109 -15.93 10.24 -6.34
C ASN B 109 -15.60 11.73 -6.27
N ALA B 110 -16.21 12.53 -7.14
CA ALA B 110 -15.93 13.96 -7.13
C ALA B 110 -16.48 14.62 -5.87
N ILE B 111 -17.71 14.26 -5.48
CA ILE B 111 -18.34 14.91 -4.34
C ILE B 111 -17.68 14.47 -3.03
N LEU B 112 -17.35 13.18 -2.91
CA LEU B 112 -16.75 12.70 -1.67
C LEU B 112 -15.36 13.32 -1.46
N GLY B 113 -14.58 13.42 -2.53
CA GLY B 113 -13.24 13.99 -2.42
C GLY B 113 -13.25 15.37 -1.78
N VAL B 114 -14.13 16.25 -2.27
CA VAL B 114 -14.27 17.57 -1.66
C VAL B 114 -14.78 17.44 -0.23
N SER B 115 -15.76 16.56 0.00
CA SER B 115 -16.36 16.43 1.32
C SER B 115 -15.33 15.99 2.36
N LEU B 116 -14.44 15.07 1.98
CA LEU B 116 -13.40 14.62 2.90
C LEU B 116 -12.43 15.76 3.21
N ALA B 117 -11.96 16.45 2.17
CA ALA B 117 -11.00 17.53 2.38
C ALA B 117 -11.61 18.68 3.17
N VAL B 118 -12.92 18.90 3.02
CA VAL B 118 -13.60 19.90 3.84
C VAL B 118 -13.57 19.49 5.31
N CYS B 119 -13.71 18.18 5.57
CA CYS B 119 -13.76 17.70 6.94
C CYS B 119 -12.41 17.86 7.63
N LYS B 120 -11.34 17.44 6.96
CA LYS B 120 -10.00 17.62 7.51
C LYS B 120 -9.70 19.08 7.77
N ALA B 121 -10.10 19.97 6.86
CA ALA B 121 -9.90 21.39 7.06
C ALA B 121 -10.76 21.93 8.20
N GLY B 122 -11.97 21.37 8.37
CA GLY B 122 -12.82 21.82 9.46
C GLY B 122 -12.25 21.46 10.81
N ALA B 123 -11.61 20.29 10.92
CA ALA B 123 -11.01 19.87 12.18
C ALA B 123 -9.90 20.82 12.60
N ALA B 124 -9.03 21.22 11.66
CA ALA B 124 -7.98 22.17 11.99
C ALA B 124 -8.56 23.54 12.33
N GLU B 125 -9.69 23.90 11.73
CA GLU B 125 -10.36 25.15 12.09
C GLU B 125 -10.87 25.11 13.52
N ARG B 126 -11.31 23.94 13.98
CA ARG B 126 -11.69 23.73 15.37
C ARG B 126 -10.49 23.45 16.27
N GLU B 127 -9.29 23.38 15.70
CA GLU B 127 -8.08 23.02 16.45
C GLU B 127 -8.29 21.69 17.20
N LEU B 128 -8.85 20.73 16.48
CA LEU B 128 -9.13 19.40 16.98
C LEU B 128 -8.56 18.36 16.03
N PRO B 129 -8.15 17.20 16.55
CA PRO B 129 -7.84 16.07 15.68
C PRO B 129 -9.08 15.66 14.89
N LEU B 130 -8.84 15.05 13.72
CA LEU B 130 -9.93 14.74 12.80
C LEU B 130 -11.00 13.88 13.46
N TYR B 131 -10.60 12.81 14.15
CA TYR B 131 -11.58 11.92 14.77
C TYR B 131 -12.41 12.64 15.82
N ARG B 132 -11.84 13.64 16.49
CA ARG B 132 -12.61 14.39 17.48
C ARG B 132 -13.57 15.36 16.82
N HIS B 133 -13.21 15.90 15.65
CA HIS B 133 -14.13 16.73 14.90
C HIS B 133 -15.27 15.91 14.33
N ILE B 134 -14.97 14.69 13.87
CA ILE B 134 -16.02 13.79 13.40
C ILE B 134 -16.96 13.45 14.55
N ALA B 135 -16.42 13.29 15.76
CA ALA B 135 -17.25 12.98 16.93
C ALA B 135 -18.21 14.12 17.25
N GLN B 136 -17.76 15.36 17.09
CA GLN B 136 -18.65 16.50 17.34
C GLN B 136 -19.67 16.68 16.22
N LEU B 137 -19.32 16.30 14.98
CA LEU B 137 -20.31 16.34 13.91
C LEU B 137 -21.38 15.27 14.10
N ALA B 138 -21.02 14.17 14.76
CA ALA B 138 -21.95 13.09 15.01
C ALA B 138 -22.63 13.19 16.37
N GLY B 139 -22.27 14.18 17.19
CA GLY B 139 -22.83 14.30 18.52
C GLY B 139 -22.33 13.25 19.49
N ASN B 140 -21.06 12.88 19.40
CA ASN B 140 -20.45 11.90 20.28
C ASN B 140 -19.41 12.56 21.17
N SER B 141 -19.18 11.98 22.33
CA SER B 141 -18.25 12.54 23.30
C SER B 141 -17.18 11.55 23.76
N ASP B 142 -17.54 10.29 23.98
CA ASP B 142 -16.61 9.28 24.47
C ASP B 142 -16.24 8.36 23.32
N LEU B 143 -14.96 8.37 22.95
CA LEU B 143 -14.47 7.66 21.78
C LEU B 143 -14.07 6.23 22.12
N ILE B 144 -13.98 5.40 21.07
CA ILE B 144 -13.70 3.97 21.21
C ILE B 144 -12.78 3.56 20.06
N LEU B 145 -11.80 2.70 20.36
CA LEU B 145 -11.00 2.11 19.31
C LEU B 145 -11.59 0.78 18.86
N PRO B 146 -11.64 0.52 17.56
CA PRO B 146 -12.37 -0.65 17.05
C PRO B 146 -11.54 -1.93 17.08
N VAL B 147 -12.26 -3.05 17.09
CA VAL B 147 -11.63 -4.34 16.82
C VAL B 147 -11.38 -4.45 15.32
N PRO B 148 -10.15 -4.75 14.90
CA PRO B 148 -9.88 -4.91 13.46
C PRO B 148 -10.30 -6.27 12.95
N ALA B 149 -10.89 -6.29 11.76
CA ALA B 149 -11.27 -7.54 11.07
C ALA B 149 -10.37 -7.68 9.85
N PHE B 150 -9.36 -8.55 9.96
CA PHE B 150 -8.36 -8.71 8.91
C PHE B 150 -8.81 -9.77 7.91
N ASN B 151 -9.02 -9.36 6.66
CA ASN B 151 -9.24 -10.32 5.59
C ASN B 151 -8.01 -11.21 5.45
N VAL B 152 -8.23 -12.53 5.40
CA VAL B 152 -7.11 -13.47 5.54
C VAL B 152 -7.19 -14.55 4.48
N ILE B 153 -8.39 -15.04 4.19
CA ILE B 153 -8.62 -16.01 3.13
C ILE B 153 -9.65 -15.43 2.17
N ASN B 154 -9.42 -15.61 0.87
CA ASN B 154 -10.26 -15.01 -0.16
C ASN B 154 -10.77 -16.05 -1.13
N GLY B 155 -12.02 -15.87 -1.53
CA GLY B 155 -12.65 -16.70 -2.56
C GLY B 155 -13.62 -15.83 -3.33
N GLY B 156 -14.65 -16.44 -3.88
CA GLY B 156 -15.65 -15.66 -4.57
C GLY B 156 -15.15 -15.11 -5.89
N SER B 157 -15.68 -13.94 -6.25
CA SER B 157 -15.42 -13.37 -7.57
C SER B 157 -13.94 -13.04 -7.76
N HIS B 158 -13.32 -12.46 -6.75
CA HIS B 158 -11.95 -11.97 -6.87
C HIS B 158 -10.95 -12.99 -6.33
N ALA B 159 -10.99 -14.19 -6.92
CA ALA B 159 -10.06 -15.25 -6.57
C ALA B 159 -10.10 -16.33 -7.64
N GLY B 160 -8.93 -16.83 -8.02
CA GLY B 160 -8.82 -17.88 -9.01
C GLY B 160 -9.16 -19.26 -8.53
N ASN B 161 -9.45 -19.45 -7.24
CA ASN B 161 -9.76 -20.77 -6.71
C ASN B 161 -11.23 -21.11 -6.98
N LYS B 162 -11.65 -22.26 -6.44
CA LYS B 162 -13.03 -22.71 -6.55
C LYS B 162 -13.89 -22.24 -5.38
N LEU B 163 -13.30 -21.52 -4.43
CA LEU B 163 -13.98 -21.18 -3.18
C LEU B 163 -15.07 -20.15 -3.43
N ALA B 164 -16.31 -20.50 -3.06
CA ALA B 164 -17.47 -19.67 -3.40
C ALA B 164 -17.56 -18.43 -2.53
N MET B 165 -17.34 -18.55 -1.22
CA MET B 165 -17.52 -17.41 -0.33
C MET B 165 -16.32 -16.48 -0.40
N GLN B 166 -16.58 -15.19 -0.17
CA GLN B 166 -15.65 -14.15 -0.57
C GLN B 166 -14.51 -13.97 0.43
N GLU B 167 -14.83 -13.64 1.69
CA GLU B 167 -13.80 -13.28 2.66
C GLU B 167 -13.93 -14.09 3.95
N PHE B 168 -12.78 -14.48 4.50
CA PHE B 168 -12.68 -15.04 5.84
C PHE B 168 -11.77 -14.11 6.66
N MET B 169 -12.33 -13.54 7.72
CA MET B 169 -11.66 -12.52 8.52
C MET B 169 -11.34 -13.05 9.92
N ILE B 170 -10.37 -12.40 10.55
CA ILE B 170 -10.00 -12.67 11.94
C ILE B 170 -10.18 -11.39 12.74
N LEU B 171 -10.70 -11.53 13.96
CA LEU B 171 -11.01 -10.40 14.83
C LEU B 171 -10.38 -10.67 16.20
N PRO B 172 -9.30 -9.91 16.60
CA PRO B 172 -8.69 -10.13 17.93
C PRO B 172 -9.49 -9.46 19.04
N VAL B 173 -10.67 -10.02 19.32
CA VAL B 173 -11.56 -9.46 20.33
C VAL B 173 -10.93 -9.52 21.72
N GLY B 174 -10.12 -10.54 21.99
CA GLY B 174 -9.51 -10.70 23.30
C GLY B 174 -8.23 -9.94 23.54
N ALA B 175 -7.85 -9.05 22.62
CA ALA B 175 -6.62 -8.29 22.74
C ALA B 175 -6.77 -7.20 23.81
N GLU B 176 -5.61 -6.77 24.34
CA GLU B 176 -5.56 -5.78 25.41
C GLU B 176 -5.73 -4.35 24.89
N SER B 177 -5.42 -4.11 23.63
CA SER B 177 -5.47 -2.77 23.04
C SER B 177 -5.55 -2.93 21.54
N PHE B 178 -5.70 -1.80 20.84
CA PHE B 178 -5.65 -1.88 19.39
C PHE B 178 -4.27 -2.27 18.90
N ARG B 179 -3.22 -1.77 19.57
CA ARG B 179 -1.85 -2.12 19.20
C ARG B 179 -1.59 -3.60 19.40
N ASP B 180 -2.05 -4.15 20.53
CA ASP B 180 -1.95 -5.59 20.74
C ASP B 180 -2.77 -6.35 19.70
N ALA B 181 -3.89 -5.78 19.25
CA ALA B 181 -4.71 -6.43 18.23
C ALA B 181 -3.98 -6.47 16.89
N MET B 182 -3.20 -5.43 16.60
CA MET B 182 -2.35 -5.47 15.41
C MET B 182 -1.27 -6.53 15.53
N ARG B 183 -0.70 -6.71 16.73
CA ARG B 183 0.28 -7.78 16.92
C ARG B 183 -0.34 -9.16 16.72
N LEU B 184 -1.55 -9.38 17.27
CA LEU B 184 -2.20 -10.68 17.14
C LEU B 184 -2.56 -10.97 15.69
N GLY B 185 -3.10 -9.98 14.97
CA GLY B 185 -3.42 -10.20 13.57
C GLY B 185 -2.20 -10.51 12.73
N ALA B 186 -1.14 -9.72 12.88
CA ALA B 186 0.07 -9.92 12.09
C ALA B 186 0.71 -11.28 12.37
N GLU B 187 0.74 -11.69 13.64
CA GLU B 187 1.35 -12.98 13.98
C GLU B 187 0.54 -14.14 13.43
N VAL B 188 -0.79 -14.06 13.48
CA VAL B 188 -1.61 -15.10 12.88
C VAL B 188 -1.49 -15.06 11.36
N TYR B 189 -1.49 -13.85 10.79
CA TYR B 189 -1.38 -13.73 9.34
C TYR B 189 -0.08 -14.37 8.83
N HIS B 190 1.03 -14.08 9.50
CA HIS B 190 2.28 -14.70 9.12
C HIS B 190 2.28 -16.19 9.40
N THR B 191 1.57 -16.62 10.45
CA THR B 191 1.46 -18.05 10.73
C THR B 191 0.70 -18.78 9.63
N LEU B 192 -0.39 -18.21 9.15
CA LEU B 192 -1.15 -18.85 8.08
C LEU B 192 -0.34 -18.94 6.79
N LYS B 193 0.48 -17.92 6.51
CA LYS B 193 1.37 -17.98 5.35
C LYS B 193 2.23 -19.23 5.40
N GLY B 194 2.73 -19.59 6.58
CA GLY B 194 3.52 -20.80 6.70
C GLY B 194 2.70 -22.07 6.50
N VAL B 195 1.49 -22.10 7.04
CA VAL B 195 0.63 -23.27 6.89
C VAL B 195 0.18 -23.43 5.44
N ILE B 196 -0.02 -22.33 4.72
CA ILE B 196 -0.41 -22.41 3.32
C ILE B 196 0.75 -22.88 2.45
N LYS B 197 1.94 -22.32 2.68
CA LYS B 197 3.10 -22.71 1.88
C LYS B 197 3.48 -24.16 2.13
N ASP B 198 3.22 -24.68 3.33
CA ASP B 198 3.55 -26.07 3.61
C ASP B 198 2.55 -27.03 3.01
N LYS B 199 1.26 -26.68 3.02
CA LYS B 199 0.22 -27.58 2.56
C LYS B 199 -0.06 -27.47 1.07
N TYR B 200 0.07 -26.27 0.48
CA TYR B 200 -0.29 -26.05 -0.91
C TYR B 200 0.90 -25.70 -1.81
N GLY B 201 2.06 -25.42 -1.24
CA GLY B 201 3.23 -25.09 -2.03
C GLY B 201 3.63 -23.63 -1.89
N LYS B 202 4.88 -23.35 -2.27
CA LYS B 202 5.42 -22.00 -2.15
C LYS B 202 4.73 -21.01 -3.09
N ASP B 203 4.13 -21.50 -4.18
CA ASP B 203 3.45 -20.63 -5.13
C ASP B 203 2.08 -20.16 -4.67
N ALA B 204 1.59 -20.67 -3.54
CA ALA B 204 0.26 -20.35 -3.04
C ALA B 204 0.27 -19.22 -2.02
N THR B 205 1.39 -18.52 -1.86
CA THR B 205 1.55 -17.53 -0.79
C THR B 205 1.32 -16.10 -1.26
N ASN B 206 1.06 -15.87 -2.53
CA ASN B 206 0.85 -14.52 -3.02
C ASN B 206 -0.53 -14.02 -2.61
N VAL B 207 -0.72 -12.70 -2.68
CA VAL B 207 -1.86 -12.06 -2.06
C VAL B 207 -2.72 -11.38 -3.11
N GLY B 208 -4.01 -11.21 -2.75
CA GLY B 208 -4.97 -10.53 -3.59
C GLY B 208 -5.02 -9.05 -3.30
N ASP B 209 -6.13 -8.44 -3.73
CA ASP B 209 -6.25 -6.97 -3.67
C ASP B 209 -6.28 -6.46 -2.24
N GLU B 210 -6.86 -7.23 -1.31
CA GLU B 210 -6.98 -6.81 0.08
C GLU B 210 -5.81 -7.27 0.94
N GLY B 211 -4.91 -8.09 0.40
CA GLY B 211 -3.75 -8.55 1.14
C GLY B 211 -3.83 -9.97 1.65
N GLY B 212 -4.97 -10.64 1.49
CA GLY B 212 -5.12 -12.00 1.95
C GLY B 212 -4.73 -13.04 0.90
N PHE B 213 -4.64 -14.29 1.36
CA PHE B 213 -4.23 -15.40 0.51
C PHE B 213 -5.45 -16.02 -0.17
N ALA B 214 -5.18 -16.73 -1.26
CA ALA B 214 -6.23 -17.39 -2.05
C ALA B 214 -5.73 -18.76 -2.53
N PRO B 215 -5.65 -19.73 -1.63
CA PRO B 215 -5.24 -21.08 -2.06
C PRO B 215 -6.36 -21.78 -2.82
N ASN B 216 -5.96 -22.68 -3.71
CA ASN B 216 -6.91 -23.39 -4.56
C ASN B 216 -7.62 -24.46 -3.73
N ILE B 217 -8.73 -24.06 -3.12
CA ILE B 217 -9.59 -24.99 -2.38
C ILE B 217 -11.04 -24.72 -2.79
N LEU B 218 -11.85 -25.77 -2.67
CA LEU B 218 -13.27 -25.72 -3.02
C LEU B 218 -14.17 -25.59 -1.80
N GLU B 219 -13.91 -26.37 -0.75
CA GLU B 219 -14.77 -26.38 0.42
C GLU B 219 -14.59 -25.10 1.23
N ASN B 220 -15.70 -24.40 1.50
CA ASN B 220 -15.66 -23.30 2.44
C ASN B 220 -15.27 -23.79 3.83
N SER B 221 -15.66 -25.02 4.18
CA SER B 221 -15.27 -25.57 5.47
C SER B 221 -13.76 -25.69 5.61
N GLU B 222 -13.05 -25.97 4.52
CA GLU B 222 -11.59 -26.07 4.60
C GLU B 222 -10.96 -24.70 4.88
N ALA B 223 -11.54 -23.64 4.32
CA ALA B 223 -11.02 -22.30 4.59
C ALA B 223 -11.13 -21.95 6.06
N LEU B 224 -12.25 -22.29 6.70
CA LEU B 224 -12.41 -22.01 8.12
C LEU B 224 -11.45 -22.85 8.96
N GLU B 225 -11.25 -24.12 8.58
CA GLU B 225 -10.29 -24.96 9.30
C GLU B 225 -8.87 -24.42 9.14
N LEU B 226 -8.55 -23.89 7.96
CA LEU B 226 -7.25 -23.26 7.74
C LEU B 226 -7.02 -22.10 8.71
N VAL B 227 -8.00 -21.21 8.84
CA VAL B 227 -7.87 -20.05 9.70
C VAL B 227 -7.80 -20.48 11.17
N LYS B 228 -8.70 -21.38 11.57
CA LYS B 228 -8.68 -21.92 12.94
C LYS B 228 -7.34 -22.55 13.26
N GLU B 229 -6.76 -23.29 12.32
CA GLU B 229 -5.45 -23.89 12.52
C GLU B 229 -4.37 -22.83 12.71
N ALA B 230 -4.45 -21.73 11.96
CA ALA B 230 -3.45 -20.67 12.09
C ALA B 230 -3.60 -19.94 13.42
N ILE B 231 -4.84 -19.72 13.86
CA ILE B 231 -5.07 -19.08 15.16
C ILE B 231 -4.47 -19.94 16.27
N ASP B 232 -4.69 -21.26 16.21
CA ASP B 232 -4.21 -22.13 17.27
C ASP B 232 -2.69 -22.22 17.29
N LYS B 233 -2.06 -22.27 16.12
CA LYS B 233 -0.60 -22.35 16.10
C LYS B 233 0.06 -21.06 16.58
N ALA B 234 -0.59 -19.92 16.35
CA ALA B 234 -0.11 -18.68 16.95
C ALA B 234 -0.35 -18.62 18.45
N GLY B 235 -1.11 -19.56 19.01
CA GLY B 235 -1.40 -19.55 20.43
C GLY B 235 -2.43 -18.54 20.88
N TYR B 236 -3.38 -18.18 20.01
CA TYR B 236 -4.35 -17.13 20.30
C TYR B 236 -5.79 -17.63 20.18
N THR B 237 -6.01 -18.92 20.44
CA THR B 237 -7.36 -19.49 20.30
C THR B 237 -8.37 -18.75 21.18
N GLU B 238 -7.96 -18.37 22.39
CA GLU B 238 -8.88 -17.65 23.26
C GLU B 238 -9.28 -16.30 22.68
N LYS B 239 -8.35 -15.64 21.99
CA LYS B 239 -8.43 -14.20 21.78
C LYS B 239 -8.95 -13.79 20.41
N ILE B 240 -8.95 -14.69 19.43
CA ILE B 240 -9.26 -14.33 18.05
C ILE B 240 -10.44 -15.16 17.56
N VAL B 241 -11.45 -14.47 17.03
CA VAL B 241 -12.63 -15.10 16.45
C VAL B 241 -12.65 -14.82 14.95
N ILE B 242 -13.64 -15.35 14.25
CA ILE B 242 -13.66 -15.38 12.80
C ILE B 242 -14.91 -14.67 12.29
N GLY B 243 -14.73 -13.83 11.27
CA GLY B 243 -15.84 -13.21 10.59
C GLY B 243 -15.81 -13.60 9.12
N MET B 244 -16.98 -13.55 8.49
CA MET B 244 -17.13 -14.01 7.11
C MET B 244 -17.88 -12.96 6.30
N ASP B 245 -17.47 -12.81 5.04
CA ASP B 245 -18.25 -12.13 4.01
C ASP B 245 -18.48 -13.15 2.91
N VAL B 246 -19.68 -13.72 2.87
CA VAL B 246 -19.98 -14.73 1.85
C VAL B 246 -20.22 -14.07 0.50
N ALA B 247 -20.74 -12.85 0.48
CA ALA B 247 -21.07 -12.12 -0.75
C ALA B 247 -21.99 -12.96 -1.63
N ALA B 248 -23.17 -13.26 -1.08
CA ALA B 248 -24.04 -14.27 -1.66
C ALA B 248 -24.68 -13.81 -2.97
N SER B 249 -24.72 -12.50 -3.24
CA SER B 249 -25.24 -12.04 -4.51
C SER B 249 -24.42 -12.58 -5.67
N GLU B 250 -23.13 -12.86 -5.43
CA GLU B 250 -22.25 -13.27 -6.52
C GLU B 250 -22.63 -14.65 -7.07
N PHE B 251 -23.12 -15.54 -6.21
CA PHE B 251 -23.52 -16.87 -6.65
C PHE B 251 -25.03 -17.11 -6.50
N TYR B 252 -25.81 -16.04 -6.46
CA TYR B 252 -27.27 -16.13 -6.56
C TYR B 252 -27.66 -16.13 -8.04
N ARG B 253 -28.38 -17.16 -8.47
CA ARG B 253 -28.67 -17.34 -9.87
C ARG B 253 -30.16 -17.07 -10.09
N ASP B 254 -31.00 -18.09 -10.21
CA ASP B 254 -32.41 -17.82 -10.49
C ASP B 254 -33.21 -17.65 -9.22
N GLY B 255 -33.14 -18.63 -8.33
CA GLY B 255 -33.81 -18.54 -7.04
C GLY B 255 -33.07 -19.33 -5.99
N LYS B 256 -31.95 -19.93 -6.41
CA LYS B 256 -31.09 -20.75 -5.57
C LYS B 256 -29.73 -20.09 -5.43
N TYR B 257 -28.79 -20.84 -4.84
CA TYR B 257 -27.40 -20.40 -4.69
C TYR B 257 -26.49 -21.51 -5.17
N ASP B 258 -25.45 -21.14 -5.92
CA ASP B 258 -24.52 -22.08 -6.54
C ASP B 258 -23.16 -21.93 -5.86
N LEU B 259 -22.91 -22.76 -4.84
CA LEU B 259 -21.64 -22.75 -4.15
C LEU B 259 -20.50 -23.33 -4.97
N ASP B 260 -20.80 -24.00 -6.08
CA ASP B 260 -19.78 -24.43 -7.04
C ASP B 260 -19.86 -23.60 -8.31
N PHE B 261 -20.12 -22.30 -8.17
CA PHE B 261 -20.07 -21.40 -9.31
C PHE B 261 -18.59 -21.20 -9.68
N LYS B 262 -18.34 -20.28 -10.59
CA LYS B 262 -17.04 -20.16 -11.29
C LYS B 262 -16.48 -21.55 -11.58
N SER B 263 -17.32 -22.33 -12.27
CA SER B 263 -17.13 -23.73 -12.63
C SER B 263 -18.14 -24.04 -13.73
N PRO B 264 -18.09 -25.20 -14.38
CA PRO B 264 -19.10 -25.50 -15.41
C PRO B 264 -20.50 -25.49 -14.82
N THR B 265 -21.38 -24.70 -15.46
CA THR B 265 -22.70 -24.45 -14.92
C THR B 265 -23.53 -25.74 -14.88
N ASP B 266 -24.22 -25.95 -13.75
CA ASP B 266 -25.09 -27.10 -13.55
C ASP B 266 -26.13 -26.76 -12.50
N PRO B 267 -27.37 -26.46 -12.90
CA PRO B 267 -28.40 -26.08 -11.91
C PRO B 267 -28.77 -27.19 -10.94
N SER B 268 -28.30 -28.43 -11.14
CA SER B 268 -28.65 -29.51 -10.24
C SER B 268 -28.00 -29.32 -8.87
N ARG B 269 -26.81 -28.73 -8.83
CA ARG B 269 -26.12 -28.47 -7.57
C ARG B 269 -26.66 -27.25 -6.84
N TYR B 270 -27.55 -26.48 -7.46
CA TYR B 270 -28.08 -25.28 -6.82
C TYR B 270 -28.79 -25.66 -5.53
N ILE B 271 -28.59 -24.84 -4.49
CA ILE B 271 -29.20 -25.09 -3.19
C ILE B 271 -30.09 -23.91 -2.84
N THR B 272 -31.09 -24.17 -1.99
CA THR B 272 -32.03 -23.14 -1.60
C THR B 272 -31.46 -22.27 -0.47
N GLY B 273 -32.21 -21.21 -0.13
CA GLY B 273 -31.80 -20.35 0.96
C GLY B 273 -31.86 -21.04 2.32
N ASP B 274 -32.85 -21.92 2.52
CA ASP B 274 -32.91 -22.70 3.75
C ASP B 274 -31.70 -23.61 3.88
N GLN B 275 -31.34 -24.29 2.79
CA GLN B 275 -30.15 -25.14 2.80
C GLN B 275 -28.91 -24.32 3.11
N LEU B 276 -28.81 -23.12 2.55
CA LEU B 276 -27.64 -22.27 2.78
C LEU B 276 -27.59 -21.81 4.23
N GLY B 277 -28.75 -21.50 4.82
CA GLY B 277 -28.79 -21.15 6.23
C GLY B 277 -28.38 -22.31 7.11
N ALA B 278 -28.78 -23.53 6.74
CA ALA B 278 -28.36 -24.70 7.50
C ALA B 278 -26.86 -24.93 7.40
N LEU B 279 -26.25 -24.58 6.26
CA LEU B 279 -24.80 -24.66 6.16
C LEU B 279 -24.13 -23.61 7.04
N TYR B 280 -24.72 -22.42 7.13
CA TYR B 280 -24.21 -21.40 8.04
C TYR B 280 -24.30 -21.87 9.49
N GLN B 281 -25.43 -22.47 9.86
CA GLN B 281 -25.62 -22.95 11.23
C GLN B 281 -24.52 -23.92 11.64
N ASP B 282 -24.14 -24.82 10.73
CA ASP B 282 -23.07 -25.77 11.05
C ASP B 282 -21.72 -25.06 11.19
N PHE B 283 -21.51 -23.97 10.44
CA PHE B 283 -20.27 -23.21 10.58
C PHE B 283 -20.17 -22.57 11.97
N VAL B 284 -21.23 -21.87 12.37
CA VAL B 284 -21.24 -21.19 13.67
C VAL B 284 -21.02 -22.20 14.79
N ARG B 285 -21.60 -23.39 14.65
CA ARG B 285 -21.48 -24.40 15.70
C ARG B 285 -20.09 -25.03 15.71
N ASP B 286 -19.46 -25.17 14.55
CA ASP B 286 -18.18 -25.87 14.45
C ASP B 286 -16.96 -24.95 14.51
N TYR B 287 -17.14 -23.65 14.29
CA TYR B 287 -16.04 -22.71 14.26
C TYR B 287 -16.43 -21.46 15.02
N PRO B 288 -15.42 -20.65 15.53
CA PRO B 288 -15.74 -19.40 16.23
C PRO B 288 -16.15 -18.28 15.26
N VAL B 289 -17.20 -18.53 14.49
CA VAL B 289 -17.73 -17.54 13.55
C VAL B 289 -18.71 -16.65 14.30
N VAL B 290 -18.39 -15.35 14.38
CA VAL B 290 -19.19 -14.40 15.13
C VAL B 290 -19.87 -13.38 14.25
N SER B 291 -19.57 -13.34 12.96
CA SER B 291 -20.10 -12.32 12.07
C SER B 291 -20.18 -12.89 10.67
N ILE B 292 -21.29 -12.60 9.99
CA ILE B 292 -21.51 -13.03 8.61
C ILE B 292 -22.09 -11.85 7.85
N GLU B 293 -21.39 -11.41 6.81
CA GLU B 293 -21.82 -10.34 5.94
C GLU B 293 -22.42 -10.92 4.66
N ASP B 294 -23.50 -10.31 4.19
CA ASP B 294 -24.22 -10.75 3.00
C ASP B 294 -24.45 -12.27 2.96
N PRO B 295 -25.14 -12.84 3.95
CA PRO B 295 -25.42 -14.28 3.89
C PRO B 295 -26.30 -14.67 2.72
N PHE B 296 -27.14 -13.75 2.23
CA PHE B 296 -28.08 -14.06 1.17
C PHE B 296 -28.08 -12.91 0.17
N ASP B 297 -28.78 -13.13 -0.95
CA ASP B 297 -28.78 -12.18 -2.05
C ASP B 297 -29.32 -10.83 -1.61
N GLN B 298 -28.91 -9.80 -2.35
CA GLN B 298 -29.25 -8.42 -2.05
C GLN B 298 -30.76 -8.17 -2.02
N ASP B 299 -31.57 -9.02 -2.64
CA ASP B 299 -33.02 -8.86 -2.62
C ASP B 299 -33.76 -10.07 -2.06
N ASP B 300 -33.06 -11.03 -1.44
CA ASP B 300 -33.71 -12.17 -0.80
C ASP B 300 -34.04 -11.83 0.65
N TRP B 301 -34.95 -10.86 0.80
CA TRP B 301 -35.28 -10.34 2.12
C TRP B 301 -35.78 -11.43 3.06
N ALA B 302 -36.54 -12.39 2.55
CA ALA B 302 -37.11 -13.42 3.41
C ALA B 302 -36.02 -14.28 4.02
N ALA B 303 -34.99 -14.61 3.25
CA ALA B 303 -33.89 -15.39 3.81
C ALA B 303 -33.14 -14.60 4.88
N TRP B 304 -32.96 -13.30 4.66
CA TRP B 304 -32.26 -12.46 5.62
C TRP B 304 -32.99 -12.42 6.97
N SER B 305 -34.28 -12.04 6.94
CA SER B 305 -35.03 -11.88 8.18
C SER B 305 -35.16 -13.21 8.92
N LYS B 306 -35.41 -14.29 8.19
CA LYS B 306 -35.55 -15.60 8.82
C LYS B 306 -34.25 -16.05 9.48
N PHE B 307 -33.12 -15.77 8.83
CA PHE B 307 -31.83 -16.19 9.37
C PHE B 307 -31.39 -15.33 10.54
N THR B 308 -31.61 -14.01 10.45
CA THR B 308 -31.27 -13.13 11.57
C THR B 308 -32.09 -13.48 12.82
N ALA B 309 -33.37 -13.81 12.64
CA ALA B 309 -34.22 -14.12 13.79
C ALA B 309 -33.94 -15.48 14.39
N ASN B 310 -33.21 -16.35 13.69
CA ASN B 310 -32.91 -17.68 14.17
C ASN B 310 -31.42 -17.87 14.47
N VAL B 311 -30.74 -16.77 14.81
CA VAL B 311 -29.31 -16.81 15.08
C VAL B 311 -28.98 -15.69 16.05
N GLY B 312 -27.84 -15.83 16.72
CA GLY B 312 -27.40 -14.86 17.72
C GLY B 312 -26.17 -14.08 17.33
N ILE B 313 -25.54 -14.43 16.21
CA ILE B 313 -24.31 -13.79 15.76
C ILE B 313 -24.63 -12.48 15.05
N GLN B 314 -23.60 -11.72 14.72
CA GLN B 314 -23.78 -10.48 13.97
C GLN B 314 -24.05 -10.79 12.50
N ILE B 315 -25.02 -10.08 11.93
CA ILE B 315 -25.43 -10.23 10.54
C ILE B 315 -25.24 -8.88 9.87
N VAL B 316 -24.28 -8.80 8.94
CA VAL B 316 -23.86 -7.54 8.35
C VAL B 316 -24.49 -7.40 6.97
N GLY B 317 -25.07 -6.23 6.70
CA GLY B 317 -25.56 -5.89 5.38
C GLY B 317 -24.52 -5.10 4.62
N ASP B 318 -24.23 -5.56 3.39
CA ASP B 318 -23.29 -4.90 2.50
C ASP B 318 -23.99 -4.55 1.19
N ASP B 319 -24.10 -5.53 0.29
CA ASP B 319 -24.92 -5.32 -0.90
C ASP B 319 -26.40 -5.17 -0.56
N LEU B 320 -26.82 -5.68 0.60
CA LEU B 320 -28.20 -5.50 1.04
C LEU B 320 -28.52 -4.01 1.21
N THR B 321 -27.67 -3.29 1.96
CA THR B 321 -27.95 -1.91 2.35
C THR B 321 -27.21 -0.88 1.52
N VAL B 322 -26.08 -1.25 0.89
CA VAL B 322 -25.22 -0.39 0.08
C VAL B 322 -25.11 1.01 0.67
N THR B 323 -25.00 1.09 2.00
CA THR B 323 -24.83 2.36 2.72
C THR B 323 -25.90 3.38 2.34
N ASN B 324 -27.09 2.89 1.94
CA ASN B 324 -28.17 3.76 1.48
C ASN B 324 -29.26 3.86 2.53
N PRO B 325 -29.64 5.07 2.95
CA PRO B 325 -30.58 5.20 4.08
C PRO B 325 -31.94 4.54 3.83
N LYS B 326 -32.49 4.67 2.62
CA LYS B 326 -33.80 4.07 2.35
C LYS B 326 -33.74 2.55 2.42
N ARG B 327 -32.69 1.95 1.87
CA ARG B 327 -32.50 0.51 2.01
C ARG B 327 -32.30 0.12 3.47
N ILE B 328 -31.63 0.97 4.25
CA ILE B 328 -31.45 0.68 5.67
C ILE B 328 -32.78 0.74 6.40
N GLU B 329 -33.64 1.70 6.05
CA GLU B 329 -34.94 1.79 6.70
C GLU B 329 -35.74 0.51 6.50
N ARG B 330 -35.71 -0.05 5.28
CA ARG B 330 -36.41 -1.30 5.04
C ARG B 330 -35.76 -2.45 5.78
N ALA B 331 -34.43 -2.47 5.85
CA ALA B 331 -33.73 -3.54 6.54
C ALA B 331 -34.03 -3.51 8.04
N VAL B 332 -34.17 -2.33 8.62
CA VAL B 332 -34.53 -2.22 10.04
C VAL B 332 -35.95 -2.72 10.26
N GLU B 333 -36.87 -2.28 9.40
CA GLU B 333 -38.28 -2.65 9.53
C GLU B 333 -38.47 -4.16 9.51
N GLU B 334 -37.84 -4.84 8.56
CA GLU B 334 -38.00 -6.27 8.39
C GLU B 334 -36.93 -7.07 9.14
N LYS B 335 -36.12 -6.40 9.95
CA LYS B 335 -35.10 -7.04 10.79
C LYS B 335 -34.23 -7.99 9.98
N ALA B 336 -33.81 -7.52 8.80
CA ALA B 336 -33.05 -8.37 7.90
C ALA B 336 -31.65 -8.63 8.43
N CYS B 337 -31.10 -7.69 9.19
CA CYS B 337 -29.74 -7.82 9.72
C CYS B 337 -29.61 -6.91 10.93
N ASN B 338 -28.47 -7.03 11.61
CA ASN B 338 -28.23 -6.26 12.82
C ASN B 338 -26.91 -5.50 12.79
N CYS B 339 -26.30 -5.33 11.61
CA CYS B 339 -25.06 -4.58 11.49
C CYS B 339 -24.96 -3.98 10.10
N LEU B 340 -24.65 -2.68 10.03
CA LEU B 340 -24.47 -1.97 8.78
C LEU B 340 -22.99 -1.90 8.42
N LEU B 341 -22.66 -2.30 7.19
CA LEU B 341 -21.34 -2.01 6.64
C LEU B 341 -21.36 -0.59 6.08
N LEU B 342 -20.41 0.24 6.51
CA LEU B 342 -20.40 1.65 6.15
C LEU B 342 -19.27 1.90 5.16
N LYS B 343 -19.63 2.02 3.88
CA LYS B 343 -18.70 2.41 2.83
C LYS B 343 -18.99 3.87 2.48
N VAL B 344 -18.04 4.76 2.80
CA VAL B 344 -18.30 6.19 2.69
C VAL B 344 -18.56 6.58 1.23
N ASN B 345 -17.79 5.99 0.30
CA ASN B 345 -17.97 6.34 -1.11
C ASN B 345 -19.24 5.74 -1.70
N GLN B 346 -19.81 4.71 -1.06
CA GLN B 346 -21.10 4.20 -1.50
C GLN B 346 -22.22 5.18 -1.24
N ILE B 347 -22.02 6.12 -0.32
CA ILE B 347 -22.99 7.18 -0.06
C ILE B 347 -22.51 8.53 -0.59
N GLY B 348 -21.20 8.79 -0.62
CA GLY B 348 -20.69 9.94 -1.33
C GLY B 348 -20.63 11.25 -0.56
N SER B 349 -20.80 11.22 0.76
CA SER B 349 -20.73 12.44 1.54
C SER B 349 -20.44 12.10 3.00
N VAL B 350 -19.62 12.95 3.64
CA VAL B 350 -19.35 12.78 5.07
C VAL B 350 -20.63 12.97 5.88
N THR B 351 -21.37 14.04 5.59
CA THR B 351 -22.60 14.32 6.33
C THR B 351 -23.58 13.17 6.22
N GLU B 352 -23.77 12.63 5.01
CA GLU B 352 -24.70 11.52 4.85
C GLU B 352 -24.16 10.23 5.44
N ALA B 353 -22.84 10.02 5.40
CA ALA B 353 -22.25 8.83 6.02
C ALA B 353 -22.46 8.84 7.53
N ILE B 354 -22.36 10.02 8.15
CA ILE B 354 -22.67 10.14 9.58
C ILE B 354 -24.13 9.87 9.84
N GLN B 355 -25.02 10.40 8.99
CA GLN B 355 -26.44 10.14 9.13
C GLN B 355 -26.73 8.65 9.02
N ALA B 356 -26.18 7.98 8.00
CA ALA B 356 -26.40 6.55 7.82
C ALA B 356 -25.93 5.76 9.03
N CYS B 357 -24.85 6.20 9.68
CA CYS B 357 -24.35 5.49 10.85
C CYS B 357 -25.21 5.76 12.07
N LYS B 358 -25.59 7.01 12.30
CA LYS B 358 -26.46 7.32 13.44
C LYS B 358 -27.85 6.72 13.27
N LEU B 359 -28.30 6.50 12.04
CA LEU B 359 -29.56 5.81 11.83
C LEU B 359 -29.47 4.36 12.28
N ALA B 360 -28.36 3.68 11.96
CA ALA B 360 -28.23 2.28 12.34
C ALA B 360 -28.07 2.12 13.85
N GLN B 361 -27.23 2.96 14.47
CA GLN B 361 -27.01 2.84 15.90
C GLN B 361 -28.26 3.17 16.70
N GLU B 362 -29.13 4.05 16.19
CA GLU B 362 -30.37 4.37 16.89
C GLU B 362 -31.29 3.16 16.97
N ASN B 363 -31.20 2.27 16.00
CA ASN B 363 -32.04 1.07 15.96
C ASN B 363 -31.36 -0.15 16.56
N GLY B 364 -30.24 0.04 17.27
CA GLY B 364 -29.57 -1.06 17.91
C GLY B 364 -28.71 -1.90 17.00
N TRP B 365 -28.36 -1.38 15.83
CA TRP B 365 -27.45 -2.09 14.94
C TRP B 365 -26.00 -1.85 15.33
N GLY B 366 -25.15 -2.80 14.99
CA GLY B 366 -23.74 -2.52 14.90
C GLY B 366 -23.38 -1.84 13.59
N VAL B 367 -22.21 -1.22 13.58
CA VAL B 367 -21.68 -0.58 12.37
C VAL B 367 -20.27 -1.09 12.17
N MET B 368 -19.92 -1.41 10.92
CA MET B 368 -18.55 -1.78 10.58
C MET B 368 -18.09 -0.87 9.44
N VAL B 369 -17.18 0.05 9.76
CA VAL B 369 -16.59 0.90 8.73
C VAL B 369 -15.75 0.02 7.80
N SER B 370 -15.79 0.32 6.51
CA SER B 370 -15.24 -0.56 5.52
C SER B 370 -14.31 0.17 4.56
N HIS B 371 -13.28 -0.53 4.12
CA HIS B 371 -12.48 -0.11 2.98
C HIS B 371 -13.18 -0.51 1.68
N ARG B 372 -12.51 -0.28 0.56
CA ARG B 372 -12.90 -0.78 -0.75
C ARG B 372 -11.79 -1.66 -1.30
N SER B 373 -12.11 -2.43 -2.34
CA SER B 373 -11.09 -3.27 -2.98
C SER B 373 -9.99 -2.43 -3.57
N GLY B 374 -10.30 -1.22 -4.03
CA GLY B 374 -9.30 -0.28 -4.49
C GLY B 374 -9.15 0.88 -3.52
N GLU B 375 -8.08 0.88 -2.74
CA GLU B 375 -7.82 1.90 -1.73
C GLU B 375 -6.62 2.75 -2.13
N THR B 376 -6.38 3.80 -1.36
CA THR B 376 -5.25 4.69 -1.56
C THR B 376 -4.44 4.78 -0.26
N GLU B 377 -3.51 5.73 -0.22
CA GLU B 377 -2.76 5.98 1.00
C GLU B 377 -3.52 6.85 2.00
N ASP B 378 -4.69 7.38 1.62
CA ASP B 378 -5.51 8.14 2.53
C ASP B 378 -5.94 7.28 3.72
N THR B 379 -6.06 7.90 4.89
CA THR B 379 -6.39 7.19 6.12
C THR B 379 -7.66 7.72 6.79
N PHE B 380 -8.51 8.42 6.05
CA PHE B 380 -9.66 9.10 6.65
C PHE B 380 -10.52 8.15 7.48
N ILE B 381 -10.77 6.94 6.98
CA ILE B 381 -11.74 6.06 7.66
C ILE B 381 -11.22 5.57 9.01
N ALA B 382 -9.91 5.65 9.24
CA ALA B 382 -9.39 5.34 10.58
C ALA B 382 -9.90 6.35 11.60
N ASP B 383 -9.76 7.64 11.30
CA ASP B 383 -10.36 8.66 12.15
C ASP B 383 -11.88 8.57 12.17
N LEU B 384 -12.48 8.05 11.09
CA LEU B 384 -13.93 7.99 11.01
C LEU B 384 -14.49 6.96 11.98
N VAL B 385 -13.91 5.75 12.01
CA VAL B 385 -14.43 4.70 12.88
C VAL B 385 -14.27 5.09 14.35
N VAL B 386 -13.24 5.86 14.69
CA VAL B 386 -13.07 6.30 16.07
C VAL B 386 -14.08 7.40 16.40
N GLY B 387 -14.20 8.39 15.52
CA GLY B 387 -15.13 9.48 15.76
C GLY B 387 -16.58 9.02 15.86
N LEU B 388 -16.96 7.99 15.10
CA LEU B 388 -18.32 7.46 15.14
C LEU B 388 -18.52 6.43 16.25
N CYS B 389 -17.46 6.10 17.00
CA CYS B 389 -17.51 5.16 18.13
C CYS B 389 -18.16 3.85 17.70
N THR B 390 -17.65 3.31 16.60
CA THR B 390 -18.35 2.20 15.93
C THR B 390 -17.91 0.86 16.51
N GLY B 391 -16.65 0.72 16.89
CA GLY B 391 -16.17 -0.49 17.51
C GLY B 391 -15.68 -1.58 16.59
N GLN B 392 -15.82 -1.43 15.26
CA GLN B 392 -15.33 -2.46 14.36
C GLN B 392 -15.03 -1.85 12.99
N ILE B 393 -13.93 -2.29 12.40
CA ILE B 393 -13.53 -1.82 11.07
C ILE B 393 -12.89 -2.99 10.34
N LYS B 394 -13.16 -3.09 9.04
CA LYS B 394 -12.45 -4.02 8.18
C LYS B 394 -11.81 -3.21 7.06
N THR B 395 -10.48 -3.13 7.07
CA THR B 395 -9.77 -2.39 6.05
C THR B 395 -8.53 -3.15 5.60
N GLY B 396 -8.64 -4.47 5.54
CA GLY B 396 -7.68 -5.31 4.86
C GLY B 396 -6.97 -6.27 5.78
N ALA B 397 -6.22 -7.17 5.15
CA ALA B 397 -5.19 -7.92 5.85
C ALA B 397 -4.14 -6.96 6.40
N PRO B 398 -3.31 -7.40 7.38
CA PRO B 398 -2.14 -6.63 7.77
C PRO B 398 -1.02 -6.73 6.74
N CYS B 399 -1.37 -6.41 5.49
CA CYS B 399 -0.48 -6.53 4.33
C CYS B 399 -0.95 -5.55 3.27
N ARG B 400 0.02 -4.96 2.55
CA ARG B 400 -0.22 -3.86 1.60
C ARG B 400 -0.55 -2.58 2.35
N SER B 401 0.21 -1.51 2.07
CA SER B 401 0.16 -0.31 2.90
C SER B 401 -1.08 0.53 2.69
N GLU B 402 -1.87 0.29 1.64
CA GLU B 402 -3.19 0.91 1.58
C GLU B 402 -4.10 0.35 2.67
N ARG B 403 -3.73 -0.80 3.24
CA ARG B 403 -4.42 -1.34 4.40
C ARG B 403 -3.73 -0.93 5.71
N LEU B 404 -2.39 -1.06 5.77
CA LEU B 404 -1.66 -0.72 7.00
C LEU B 404 -1.74 0.77 7.33
N ALA B 405 -1.95 1.64 6.34
CA ALA B 405 -2.01 3.07 6.61
C ALA B 405 -3.13 3.42 7.58
N LYS B 406 -4.30 2.78 7.44
CA LYS B 406 -5.37 3.00 8.39
C LYS B 406 -5.05 2.33 9.73
N TYR B 407 -4.50 1.12 9.69
CA TYR B 407 -4.20 0.40 10.92
C TYR B 407 -3.13 1.13 11.74
N ASN B 408 -2.05 1.57 11.08
CA ASN B 408 -1.05 2.38 11.76
C ASN B 408 -1.66 3.67 12.30
N GLN B 409 -2.53 4.30 11.51
CA GLN B 409 -3.14 5.56 11.95
C GLN B 409 -4.02 5.34 13.16
N LEU B 410 -4.68 4.18 13.24
CA LEU B 410 -5.43 3.85 14.44
C LEU B 410 -4.51 3.65 15.63
N MET B 411 -3.34 3.03 15.41
CA MET B 411 -2.37 2.91 16.49
C MET B 411 -1.92 4.28 16.98
N ARG B 412 -1.77 5.24 16.06
CA ARG B 412 -1.39 6.59 16.46
C ARG B 412 -2.51 7.27 17.24
N ILE B 413 -3.77 7.05 16.83
CA ILE B 413 -4.90 7.61 17.56
C ILE B 413 -4.96 7.02 18.97
N GLU B 414 -4.66 5.73 19.09
CA GLU B 414 -4.70 5.09 20.42
C GLU B 414 -3.68 5.72 21.37
N GLU B 415 -2.46 5.97 20.90
CA GLU B 415 -1.45 6.54 21.79
C GLU B 415 -1.69 8.03 22.02
N GLU B 416 -2.30 8.72 21.05
CA GLU B 416 -2.66 10.11 21.28
C GLU B 416 -3.78 10.23 22.33
N LEU B 417 -4.67 9.24 22.40
CA LEU B 417 -5.73 9.28 23.40
C LEU B 417 -5.20 8.94 24.80
N GLY B 418 -4.12 8.18 24.88
CA GLY B 418 -3.50 7.92 26.17
C GLY B 418 -4.40 7.10 27.05
N ASP B 419 -4.59 7.56 28.29
CA ASP B 419 -5.40 6.83 29.25
C ASP B 419 -6.88 6.83 28.88
N GLU B 420 -7.33 7.81 28.09
CA GLU B 420 -8.71 7.86 27.65
C GLU B 420 -9.04 6.78 26.62
N ALA B 421 -8.03 6.12 26.06
CA ALA B 421 -8.25 5.15 25.00
C ALA B 421 -8.97 3.92 25.52
N ARG B 422 -9.99 3.48 24.79
CA ARG B 422 -10.72 2.26 25.11
C ARG B 422 -10.74 1.36 23.89
N PHE B 423 -10.47 0.08 24.09
CA PHE B 423 -10.55 -0.92 23.04
C PHE B 423 -11.90 -1.63 23.12
N ALA B 424 -12.60 -1.71 21.99
CA ALA B 424 -13.94 -2.29 21.97
C ALA B 424 -13.94 -3.73 22.49
N GLY B 425 -12.99 -4.53 22.05
CA GLY B 425 -12.84 -5.87 22.59
C GLY B 425 -14.04 -6.74 22.25
N HIS B 426 -14.59 -7.40 23.27
CA HIS B 426 -15.75 -8.26 23.09
C HIS B 426 -17.04 -7.49 22.88
N ASN B 427 -17.03 -6.18 23.13
CA ASN B 427 -18.17 -5.31 22.84
C ASN B 427 -17.96 -4.54 21.55
N PHE B 428 -17.48 -5.20 20.50
CA PHE B 428 -17.34 -4.55 19.20
C PHE B 428 -18.70 -4.36 18.51
N ARG B 429 -19.71 -5.15 18.89
CA ARG B 429 -21.04 -5.00 18.30
C ARG B 429 -21.82 -3.87 18.95
N ASN B 430 -21.65 -3.67 20.27
CA ASN B 430 -22.34 -2.61 21.02
C ASN B 430 -21.35 -1.89 21.92
N PRO B 431 -20.50 -1.03 21.34
CA PRO B 431 -19.46 -0.37 22.16
C PRO B 431 -19.98 0.72 23.08
N SER B 432 -21.25 1.14 22.93
CA SER B 432 -21.78 2.21 23.77
C SER B 432 -21.84 1.83 25.24
N VAL B 433 -21.78 0.53 25.56
CA VAL B 433 -21.81 0.11 26.95
C VAL B 433 -20.54 0.49 27.68
N LEU B 434 -19.47 0.81 26.94
CA LEU B 434 -18.20 1.21 27.54
C LEU B 434 -18.13 2.72 27.73
MG MG C . 18.30 -5.93 -6.25
CL CL D . 15.33 -5.86 -0.86
MG MG E . -18.54 -7.27 1.05
CL CL F . -15.37 -3.35 -2.78
#